data_2WYW
#
_entry.id   2WYW
#
_cell.length_a   57.710
_cell.length_b   127.550
_cell.length_c   66.500
_cell.angle_alpha   90.00
_cell.angle_beta   108.20
_cell.angle_gamma   90.00
#
_symmetry.space_group_name_H-M   'P 1 21 1'
#
loop_
_entity.id
_entity.type
_entity.pdbx_description
1 polymer 'ENOYL-[ACYL CARRIER PROTEIN] REDUCTASE'
2 non-polymer NICOTINAMIDE-ADENINE-DINUCLEOTIDE
3 non-polymer TRICLOSAN
4 water water
#
_entity_poly.entity_id   1
_entity_poly.type   'polypeptide(L)'
_entity_poly.pdbx_seq_one_letter_code
;MLTVDLSGKKALVMGVTNQRSLGFAIAAKLKEAGAEVALSYQAERLRPEAEKLAEALGGALLFRADVTQDEELDALFAGV
KEAFGGLDYLVHAIAFAPREAMEGRYIDTRRQDWLLALEVSAYSLVAVARRAEPLLREGGGIVTLTYYASEKVVPKYNVM
AIAKAALEASVRYLAYELGPKGVRVNAISAGPVRTVAARSIPGFTKMYDRVAQTAPLRRNITQEEVGNLGLFLLSPLASG
ITGEVVYVDAGYHIMGMELEG
;
_entity_poly.pdbx_strand_id   A,B,C,D
#
loop_
_chem_comp.id
_chem_comp.type
_chem_comp.name
_chem_comp.formula
NAD non-polymer NICOTINAMIDE-ADENINE-DINUCLEOTIDE 'C21 H27 N7 O14 P2'
TCL non-polymer TRICLOSAN 'C12 H7 Cl3 O2'
#
# COMPACT_ATOMS: atom_id res chain seq x y z
N MET A 1 -28.32 16.40 -18.43
CA MET A 1 -27.02 17.09 -18.17
C MET A 1 -26.81 17.30 -16.69
N LEU A 2 -25.57 17.18 -16.26
CA LEU A 2 -25.20 17.49 -14.87
C LEU A 2 -24.47 18.84 -14.86
N THR A 3 -24.80 19.68 -13.89
CA THR A 3 -24.13 20.96 -13.74
C THR A 3 -23.47 21.01 -12.36
N VAL A 4 -22.24 21.48 -12.33
CA VAL A 4 -21.54 21.72 -11.08
C VAL A 4 -21.53 23.23 -10.94
N ASP A 5 -22.36 23.74 -10.02
CA ASP A 5 -22.48 25.17 -9.79
C ASP A 5 -21.97 25.50 -8.37
N LEU A 6 -20.85 26.20 -8.32
CA LEU A 6 -20.24 26.60 -7.06
C LEU A 6 -20.40 28.12 -6.82
N SER A 7 -21.46 28.69 -7.37
CA SER A 7 -21.83 30.08 -7.04
C SER A 7 -21.97 30.18 -5.55
N GLY A 8 -21.49 31.28 -4.98
CA GLY A 8 -21.55 31.48 -3.52
C GLY A 8 -20.32 30.96 -2.78
N LYS A 9 -19.59 30.03 -3.42
CA LYS A 9 -18.42 29.41 -2.82
C LYS A 9 -17.19 30.29 -2.96
N LYS A 10 -16.28 30.17 -2.00
CA LYS A 10 -15.06 30.95 -1.96
C LYS A 10 -13.86 30.02 -1.91
N ALA A 11 -12.87 30.31 -2.75
CA ALA A 11 -11.69 29.45 -2.92
C ALA A 11 -10.44 30.29 -2.74
N LEU A 12 -9.47 29.76 -2.02
CA LEU A 12 -8.09 30.28 -1.97
C LEU A 12 -7.16 29.24 -2.59
N VAL A 13 -6.41 29.66 -3.60
CA VAL A 13 -5.53 28.78 -4.33
C VAL A 13 -4.12 29.31 -4.16
N MET A 14 -3.34 28.57 -3.35
CA MET A 14 -1.95 28.93 -3.01
C MET A 14 -0.92 28.17 -3.88
N GLY A 15 -0.10 28.94 -4.58
CA GLY A 15 1.00 28.40 -5.36
C GLY A 15 0.80 28.52 -6.85
N VAL A 16 0.72 29.74 -7.34
CA VAL A 16 0.59 29.98 -8.76
C VAL A 16 1.77 30.81 -9.24
N THR A 17 2.29 30.41 -10.39
CA THR A 17 3.41 31.10 -11.00
C THR A 17 3.02 31.58 -12.40
N ASN A 18 2.52 30.68 -13.24
CA ASN A 18 2.00 31.06 -14.54
C ASN A 18 0.84 30.17 -14.94
N GLN A 19 0.44 30.24 -16.19
CA GLN A 19 -0.74 29.55 -16.64
C GLN A 19 -0.53 28.03 -16.76
N ARG A 20 0.71 27.56 -16.63
CA ARG A 20 1.01 26.14 -16.62
C ARG A 20 0.94 25.54 -15.20
N SER A 21 0.86 26.39 -14.18
CA SER A 21 0.84 25.97 -12.78
C SER A 21 -0.36 25.03 -12.55
N LEU A 22 -0.16 23.87 -11.89
CA LEU A 22 -1.30 22.98 -11.57
C LEU A 22 -2.29 23.64 -10.60
N GLY A 23 -1.79 24.49 -9.70
CA GLY A 23 -2.66 25.32 -8.85
C GLY A 23 -3.60 26.15 -9.71
N PHE A 24 -3.05 26.71 -10.78
CA PHE A 24 -3.83 27.51 -11.67
C PHE A 24 -4.87 26.69 -12.42
N ALA A 25 -4.51 25.49 -12.86
CA ALA A 25 -5.46 24.59 -13.55
C ALA A 25 -6.70 24.35 -12.69
N ILE A 26 -6.49 24.16 -11.38
CA ILE A 26 -7.60 23.95 -10.43
C ILE A 26 -8.38 25.25 -10.21
N ALA A 27 -7.65 26.35 -10.05
CA ALA A 27 -8.30 27.68 -9.95
C ALA A 27 -9.23 27.95 -11.14
N ALA A 28 -8.76 27.66 -12.35
CA ALA A 28 -9.57 27.86 -13.58
C ALA A 28 -10.88 27.08 -13.56
N LYS A 29 -10.83 25.81 -13.14
CA LYS A 29 -12.05 25.02 -13.11
C LYS A 29 -12.98 25.50 -11.97
N LEU A 30 -12.42 25.89 -10.84
CA LEU A 30 -13.25 26.43 -9.77
C LEU A 30 -13.97 27.73 -10.17
N LYS A 31 -13.23 28.64 -10.80
CA LYS A 31 -13.80 29.88 -11.37
C LYS A 31 -14.85 29.55 -12.44
N GLU A 32 -14.51 28.65 -13.36
CA GLU A 32 -15.47 28.21 -14.38
C GLU A 32 -16.76 27.64 -13.77
N ALA A 33 -16.62 26.94 -12.65
CA ALA A 33 -17.77 26.31 -11.99
C ALA A 33 -18.61 27.34 -11.17
N GLY A 34 -18.10 28.56 -11.04
CA GLY A 34 -18.80 29.64 -10.37
C GLY A 34 -18.30 30.13 -9.03
N ALA A 35 -17.19 29.61 -8.51
CA ALA A 35 -16.63 30.07 -7.23
C ALA A 35 -15.93 31.41 -7.39
N GLU A 36 -15.84 32.15 -6.30
CA GLU A 36 -14.97 33.31 -6.28
C GLU A 36 -13.60 32.82 -5.89
N VAL A 37 -12.56 33.30 -6.57
CA VAL A 37 -11.19 32.77 -6.40
C VAL A 37 -10.22 33.85 -6.01
N ALA A 38 -9.46 33.57 -4.95
CA ALA A 38 -8.30 34.32 -4.53
C ALA A 38 -7.08 33.45 -4.84
N LEU A 39 -6.04 34.04 -5.44
CA LEU A 39 -4.77 33.38 -5.67
C LEU A 39 -3.71 33.91 -4.73
N SER A 40 -2.87 33.04 -4.15
CA SER A 40 -1.66 33.54 -3.46
C SER A 40 -0.39 33.21 -4.25
N TYR A 41 0.49 34.18 -4.36
CA TYR A 41 1.78 33.99 -5.07
C TYR A 41 2.91 34.25 -4.04
N GLN A 42 4.11 33.74 -4.34
CA GLN A 42 5.18 33.60 -3.35
C GLN A 42 5.86 34.88 -2.94
N ALA A 43 6.11 35.75 -3.92
CA ALA A 43 6.99 36.91 -3.74
C ALA A 43 6.58 38.02 -4.69
N GLU A 44 6.94 39.25 -4.34
CA GLU A 44 6.61 40.43 -5.17
C GLU A 44 7.05 40.28 -6.62
N ARG A 45 8.17 39.60 -6.86
CA ARG A 45 8.66 39.40 -8.24
C ARG A 45 7.64 38.68 -9.14
N LEU A 46 6.77 37.86 -8.52
CA LEU A 46 5.70 37.15 -9.23
C LEU A 46 4.37 37.95 -9.36
N ARG A 47 4.29 39.14 -8.77
CA ARG A 47 3.04 39.92 -8.90
C ARG A 47 2.57 40.12 -10.34
N PRO A 48 3.48 40.47 -11.28
CA PRO A 48 3.05 40.65 -12.66
C PRO A 48 2.48 39.39 -13.31
N GLU A 49 3.02 38.22 -12.98
CA GLU A 49 2.43 36.98 -13.49
C GLU A 49 1.06 36.70 -12.85
N ALA A 50 0.96 36.90 -11.52
CA ALA A 50 -0.31 36.70 -10.80
C ALA A 50 -1.41 37.58 -11.34
N GLU A 51 -1.08 38.84 -11.66
CA GLU A 51 -2.02 39.75 -12.34
C GLU A 51 -2.54 39.20 -13.66
N LYS A 52 -1.65 38.59 -14.45
CA LYS A 52 -2.05 37.97 -15.72
C LYS A 52 -2.98 36.78 -15.50
N LEU A 53 -2.77 36.07 -14.39
CA LEU A 53 -3.61 34.92 -14.05
C LEU A 53 -4.98 35.37 -13.58
N ALA A 54 -5.02 36.44 -12.78
CA ALA A 54 -6.28 37.02 -12.33
C ALA A 54 -7.08 37.46 -13.54
N GLU A 55 -6.39 38.07 -14.48
CA GLU A 55 -7.03 38.50 -15.70
C GLU A 55 -7.53 37.33 -16.55
N ALA A 56 -6.77 36.25 -16.64
CA ALA A 56 -7.19 35.06 -17.39
C ALA A 56 -8.41 34.39 -16.77
N LEU A 57 -8.58 34.52 -15.46
CA LEU A 57 -9.76 33.98 -14.76
C LEU A 57 -10.97 34.90 -14.90
N GLY A 58 -10.76 36.12 -15.41
CA GLY A 58 -11.82 37.13 -15.50
C GLY A 58 -12.04 37.83 -14.18
N GLY A 59 -11.07 37.71 -13.28
CA GLY A 59 -11.14 38.32 -11.95
C GLY A 59 -10.75 37.36 -10.86
N ALA A 60 -9.81 37.77 -10.02
CA ALA A 60 -9.44 37.04 -8.81
C ALA A 60 -8.73 37.99 -7.88
N LEU A 61 -8.94 37.83 -6.58
CA LEU A 61 -8.16 38.57 -5.59
C LEU A 61 -6.76 37.96 -5.56
N LEU A 62 -5.76 38.80 -5.27
CA LEU A 62 -4.37 38.36 -5.20
C LEU A 62 -3.80 38.70 -3.82
N PHE A 63 -2.95 37.81 -3.32
CA PHE A 63 -2.28 37.95 -2.05
C PHE A 63 -0.86 37.39 -2.20
N ARG A 64 0.13 38.05 -1.59
CA ARG A 64 1.50 37.57 -1.52
C ARG A 64 1.72 36.85 -0.19
N ALA A 65 2.23 35.62 -0.26
CA ALA A 65 2.63 34.90 0.96
C ALA A 65 3.73 33.89 0.67
N ASP A 66 4.82 34.01 1.41
CA ASP A 66 5.84 32.95 1.49
C ASP A 66 5.48 32.04 2.67
N VAL A 67 5.31 30.75 2.41
CA VAL A 67 4.88 29.82 3.46
C VAL A 67 5.93 29.56 4.55
N THR A 68 7.16 30.05 4.39
CA THR A 68 8.12 30.02 5.50
C THR A 68 7.92 31.18 6.48
N GLN A 69 7.11 32.17 6.10
CA GLN A 69 6.94 33.41 6.86
C GLN A 69 5.60 33.43 7.57
N ASP A 70 5.61 33.15 8.87
CA ASP A 70 4.40 33.08 9.64
C ASP A 70 3.62 34.40 9.63
N GLU A 71 4.34 35.54 9.71
CA GLU A 71 3.72 36.86 9.59
C GLU A 71 2.93 36.99 8.28
N GLU A 72 3.55 36.60 7.17
CA GLU A 72 2.90 36.69 5.87
C GLU A 72 1.71 35.77 5.76
N LEU A 73 1.77 34.61 6.43
CA LEU A 73 0.64 33.69 6.44
C LEU A 73 -0.54 34.23 7.27
N ASP A 74 -0.22 34.83 8.41
CA ASP A 74 -1.23 35.46 9.23
C ASP A 74 -1.93 36.56 8.42
N ALA A 75 -1.14 37.34 7.70
CA ALA A 75 -1.67 38.46 6.92
C ALA A 75 -2.55 37.99 5.78
N LEU A 76 -2.14 36.88 5.15
CA LEU A 76 -2.93 36.24 4.11
C LEU A 76 -4.32 35.85 4.60
N PHE A 77 -4.39 35.12 5.70
CA PHE A 77 -5.67 34.61 6.19
C PHE A 77 -6.53 35.72 6.77
N ALA A 78 -5.89 36.73 7.36
CA ALA A 78 -6.55 37.99 7.75
C ALA A 78 -7.19 38.67 6.51
N GLY A 79 -6.44 38.77 5.43
CA GLY A 79 -6.96 39.33 4.18
C GLY A 79 -8.09 38.54 3.55
N VAL A 80 -7.97 37.20 3.59
CA VAL A 80 -8.99 36.31 3.05
C VAL A 80 -10.24 36.36 3.93
N LYS A 81 -10.06 36.40 5.24
CA LYS A 81 -11.21 36.54 6.13
C LYS A 81 -11.96 37.86 5.87
N GLU A 82 -11.23 38.95 5.78
CA GLU A 82 -11.87 40.24 5.47
C GLU A 82 -12.61 40.21 4.11
N ALA A 83 -11.99 39.66 3.07
CA ALA A 83 -12.60 39.70 1.74
C ALA A 83 -13.74 38.72 1.58
N PHE A 84 -13.61 37.55 2.19
CA PHE A 84 -14.54 36.46 1.95
C PHE A 84 -15.51 36.23 3.11
N GLY A 85 -15.08 36.47 4.35
CA GLY A 85 -15.88 36.06 5.52
C GLY A 85 -15.57 34.63 5.94
N GLY A 86 -16.07 33.68 5.18
CA GLY A 86 -15.73 32.27 5.36
C GLY A 86 -15.09 31.76 4.08
N LEU A 87 -14.55 30.56 4.13
CA LEU A 87 -13.83 30.00 3.00
C LEU A 87 -14.40 28.62 2.76
N ASP A 88 -14.59 28.22 1.51
CA ASP A 88 -15.01 26.87 1.23
C ASP A 88 -13.84 25.96 0.84
N TYR A 89 -12.96 26.46 -0.02
CA TYR A 89 -11.96 25.61 -0.66
C TYR A 89 -10.58 26.21 -0.52
N LEU A 90 -9.61 25.33 -0.26
CA LEU A 90 -8.21 25.70 -0.17
C LEU A 90 -7.44 24.70 -1.01
N VAL A 91 -6.70 25.25 -1.96
CA VAL A 91 -5.81 24.51 -2.82
C VAL A 91 -4.38 24.86 -2.45
N HIS A 92 -3.64 23.82 -2.07
CA HIS A 92 -2.24 23.94 -1.68
C HIS A 92 -1.35 23.33 -2.76
N ALA A 93 -0.70 24.20 -3.54
CA ALA A 93 0.06 23.81 -4.73
C ALA A 93 1.47 24.38 -4.65
N ILE A 94 2.11 24.14 -3.51
CA ILE A 94 3.40 24.69 -3.15
C ILE A 94 4.38 23.58 -2.81
N ALA A 95 5.56 23.62 -3.44
CA ALA A 95 6.66 22.74 -3.10
C ALA A 95 7.94 23.41 -3.49
N PHE A 96 9.00 23.13 -2.75
CA PHE A 96 10.34 23.58 -3.05
C PHE A 96 11.39 22.67 -2.44
N ALA A 97 12.48 22.47 -3.16
CA ALA A 97 13.71 21.92 -2.59
C ALA A 97 14.86 22.62 -3.31
N PRO A 98 15.93 22.97 -2.57
CA PRO A 98 17.12 23.59 -3.13
C PRO A 98 17.72 22.79 -4.27
N ARG A 99 18.16 23.51 -5.30
CA ARG A 99 18.72 22.90 -6.50
C ARG A 99 19.77 21.83 -6.19
N GLU A 100 20.67 22.10 -5.25
CA GLU A 100 21.75 21.19 -4.94
C GLU A 100 21.21 19.88 -4.36
N ALA A 101 20.10 19.96 -3.61
CA ALA A 101 19.49 18.78 -3.02
C ALA A 101 18.91 17.86 -4.09
N MET A 102 18.38 18.47 -5.16
CA MET A 102 17.77 17.73 -6.26
C MET A 102 18.81 17.19 -7.24
N GLU A 103 19.95 17.86 -7.32
CA GLU A 103 20.97 17.48 -8.31
C GLU A 103 21.91 16.41 -7.80
N GLY A 104 22.15 16.36 -6.49
CA GLY A 104 23.04 15.34 -5.92
C GLY A 104 22.34 14.02 -5.59
N ARG A 105 22.84 13.34 -4.56
CA ARG A 105 22.22 12.15 -4.09
C ARG A 105 21.37 12.55 -2.89
N TYR A 106 20.30 11.80 -2.66
CA TYR A 106 19.51 11.98 -1.45
C TYR A 106 20.39 11.87 -0.20
N ILE A 107 21.26 10.85 -0.14
CA ILE A 107 22.15 10.66 1.01
C ILE A 107 23.04 11.90 1.32
N ASP A 108 23.32 12.69 0.29
CA ASP A 108 24.18 13.88 0.42
C ASP A 108 23.41 15.16 0.73
N THR A 109 22.11 15.04 1.03
CA THR A 109 21.32 16.24 1.30
C THR A 109 21.83 16.94 2.56
N ARG A 110 22.11 18.23 2.45
CA ARG A 110 22.54 19.04 3.57
C ARG A 110 21.34 19.25 4.50
N ARG A 111 21.63 19.33 5.78
CA ARG A 111 20.64 19.51 6.83
C ARG A 111 19.69 20.66 6.55
N GLN A 112 20.24 21.82 6.19
CA GLN A 112 19.40 22.99 6.08
C GLN A 112 18.59 22.93 4.81
N ASP A 113 19.13 22.29 3.77
CA ASP A 113 18.39 22.10 2.53
C ASP A 113 17.24 21.10 2.72
N TRP A 114 17.51 20.04 3.48
CA TRP A 114 16.53 18.98 3.75
C TRP A 114 15.36 19.57 4.54
N LEU A 115 15.70 20.32 5.58
CA LEU A 115 14.69 20.93 6.42
C LEU A 115 13.84 21.97 5.65
N LEU A 116 14.47 22.75 4.78
CA LEU A 116 13.75 23.71 3.97
C LEU A 116 12.75 23.05 3.03
N ALA A 117 13.15 21.92 2.43
CA ALA A 117 12.30 21.19 1.50
C ALA A 117 11.06 20.66 2.23
N LEU A 118 11.25 20.11 3.44
CA LEU A 118 10.16 19.59 4.25
C LEU A 118 9.31 20.72 4.75
N GLU A 119 9.96 21.81 5.19
CA GLU A 119 9.24 23.00 5.66
C GLU A 119 8.31 23.57 4.59
N VAL A 120 8.82 23.81 3.40
CA VAL A 120 8.04 24.41 2.32
C VAL A 120 7.01 23.46 1.73
N SER A 121 7.40 22.20 1.58
CA SER A 121 6.65 21.27 0.78
C SER A 121 5.65 20.43 1.60
N ALA A 122 5.85 20.33 2.92
CA ALA A 122 4.97 19.55 3.78
C ALA A 122 4.41 20.30 5.01
N TYR A 123 5.28 20.90 5.81
CA TYR A 123 4.81 21.67 6.95
C TYR A 123 3.85 22.78 6.54
N SER A 124 4.08 23.40 5.37
CA SER A 124 3.21 24.46 4.89
C SER A 124 1.74 24.06 4.81
N LEU A 125 1.46 22.79 4.54
CA LEU A 125 0.04 22.34 4.51
C LEU A 125 -0.58 22.47 5.90
N VAL A 126 0.15 22.06 6.93
CA VAL A 126 -0.29 22.23 8.33
C VAL A 126 -0.47 23.72 8.66
N ALA A 127 0.52 24.54 8.31
CA ALA A 127 0.46 26.00 8.55
C ALA A 127 -0.81 26.64 7.98
N VAL A 128 -1.13 26.33 6.73
CA VAL A 128 -2.30 26.90 6.07
C VAL A 128 -3.60 26.25 6.54
N ALA A 129 -3.61 24.92 6.81
CA ALA A 129 -4.81 24.26 7.32
C ALA A 129 -5.23 24.81 8.70
N ARG A 130 -4.26 25.03 9.58
CA ARG A 130 -4.53 25.62 10.89
C ARG A 130 -5.18 26.99 10.75
N ARG A 131 -4.61 27.84 9.90
CA ARG A 131 -5.14 29.19 9.68
C ARG A 131 -6.49 29.18 8.96
N ALA A 132 -6.67 28.21 8.04
CA ALA A 132 -7.93 28.05 7.34
C ALA A 132 -9.07 27.49 8.19
N GLU A 133 -8.74 26.62 9.16
CA GLU A 133 -9.75 25.96 9.97
C GLU A 133 -10.90 26.86 10.48
N PRO A 134 -10.60 28.01 11.10
CA PRO A 134 -11.75 28.79 11.61
C PRO A 134 -12.59 29.44 10.50
N LEU A 135 -12.01 29.59 9.32
CA LEU A 135 -12.72 30.14 8.18
C LEU A 135 -13.56 29.13 7.40
N LEU A 136 -13.14 27.87 7.43
CA LEU A 136 -13.71 26.85 6.54
C LEU A 136 -15.11 26.42 6.96
N ARG A 137 -16.01 26.45 6.00
CA ARG A 137 -17.40 26.10 6.22
C ARG A 137 -17.64 24.65 6.07
N GLU A 138 -18.69 24.16 6.73
CA GLU A 138 -19.14 22.79 6.52
C GLU A 138 -19.23 22.51 5.02
N GLY A 139 -18.78 21.32 4.61
CA GLY A 139 -18.76 20.96 3.19
C GLY A 139 -17.51 21.38 2.43
N GLY A 140 -16.63 22.11 3.13
CA GLY A 140 -15.46 22.71 2.52
C GLY A 140 -14.33 21.70 2.48
N GLY A 141 -13.19 22.14 1.96
CA GLY A 141 -12.14 21.21 1.66
C GLY A 141 -10.79 21.85 1.44
N ILE A 142 -9.78 21.00 1.59
CA ILE A 142 -8.39 21.29 1.29
C ILE A 142 -7.90 20.18 0.37
N VAL A 143 -7.25 20.57 -0.73
CA VAL A 143 -6.64 19.62 -1.62
C VAL A 143 -5.18 20.06 -1.86
N THR A 144 -4.27 19.08 -1.80
CA THR A 144 -2.86 19.27 -2.08
C THR A 144 -2.44 18.43 -3.28
N LEU A 145 -1.20 18.64 -3.74
CA LEU A 145 -0.65 17.94 -4.90
C LEU A 145 0.63 17.20 -4.47
N THR A 146 0.69 15.91 -4.82
CA THR A 146 1.78 15.04 -4.40
C THR A 146 2.22 14.26 -5.62
N TYR A 147 3.18 13.38 -5.43
CA TYR A 147 3.76 12.61 -6.53
C TYR A 147 4.16 11.19 -6.05
N TYR A 148 4.06 10.21 -6.95
CA TYR A 148 4.31 8.78 -6.70
C TYR A 148 5.60 8.39 -5.97
N ALA A 149 6.62 9.22 -6.13
CA ALA A 149 7.93 9.01 -5.50
C ALA A 149 7.84 8.99 -3.96
N SER A 150 6.73 9.45 -3.38
CA SER A 150 6.50 9.25 -1.97
C SER A 150 6.53 7.74 -1.62
N GLU A 151 6.04 6.89 -2.54
CA GLU A 151 5.94 5.46 -2.32
C GLU A 151 7.05 4.66 -2.94
N LYS A 152 7.54 5.11 -4.10
CA LYS A 152 8.51 4.35 -4.86
C LYS A 152 9.64 5.25 -5.32
N VAL A 153 10.83 4.70 -5.39
CA VAL A 153 12.00 5.50 -5.67
C VAL A 153 11.99 5.96 -7.12
N VAL A 154 11.92 7.28 -7.31
CA VAL A 154 12.17 7.95 -8.59
C VAL A 154 13.50 8.67 -8.46
N PRO A 155 14.51 8.20 -9.22
CA PRO A 155 15.82 8.82 -9.21
C PRO A 155 15.78 10.35 -9.43
N LYS A 156 16.55 11.08 -8.63
CA LYS A 156 16.72 12.54 -8.70
C LYS A 156 15.63 13.35 -8.02
N TYR A 157 14.52 12.72 -7.68
CA TYR A 157 13.43 13.45 -7.01
C TYR A 157 13.81 13.62 -5.55
N ASN A 158 14.59 12.68 -5.04
CA ASN A 158 15.36 12.87 -3.77
C ASN A 158 14.52 13.38 -2.61
N VAL A 159 14.92 14.48 -1.96
CA VAL A 159 14.22 14.94 -0.72
C VAL A 159 12.74 15.26 -1.01
N MET A 160 12.41 15.58 -2.25
CA MET A 160 11.00 15.87 -2.54
C MET A 160 10.14 14.62 -2.33
N ALA A 161 10.73 13.44 -2.57
CA ALA A 161 10.03 12.17 -2.34
C ALA A 161 9.62 12.05 -0.90
N ILE A 162 10.56 12.40 -0.04
CA ILE A 162 10.40 12.35 1.40
C ILE A 162 9.42 13.42 1.89
N ALA A 163 9.53 14.63 1.32
CA ALA A 163 8.54 15.67 1.63
C ALA A 163 7.11 15.24 1.23
N LYS A 164 6.95 14.56 0.09
CA LYS A 164 5.65 14.13 -0.35
C LYS A 164 5.08 13.01 0.54
N ALA A 165 5.96 12.12 1.02
CA ALA A 165 5.57 11.13 2.04
C ALA A 165 5.04 11.83 3.29
N ALA A 166 5.74 12.88 3.74
CA ALA A 166 5.30 13.65 4.92
C ALA A 166 3.99 14.39 4.60
N LEU A 167 3.88 14.87 3.37
CA LEU A 167 2.66 15.57 2.90
C LEU A 167 1.42 14.65 2.90
N GLU A 168 1.56 13.43 2.38
CA GLU A 168 0.44 12.47 2.36
C GLU A 168 0.02 12.01 3.74
N ALA A 169 0.98 11.73 4.61
CA ALA A 169 0.65 11.38 6.00
C ALA A 169 -0.08 12.57 6.68
N SER A 170 0.37 13.77 6.38
CA SER A 170 -0.30 14.96 6.87
C SER A 170 -1.76 15.04 6.42
N VAL A 171 -2.01 14.76 5.14
CA VAL A 171 -3.36 14.70 4.58
C VAL A 171 -4.27 13.81 5.43
N ARG A 172 -3.80 12.61 5.79
CA ARG A 172 -4.60 11.70 6.61
C ARG A 172 -4.92 12.25 8.03
N TYR A 173 -3.90 12.75 8.72
CA TYR A 173 -4.11 13.37 10.03
C TYR A 173 -4.99 14.62 10.03
N LEU A 174 -4.81 15.50 9.06
CA LEU A 174 -5.66 16.67 8.92
C LEU A 174 -7.10 16.30 8.55
N ALA A 175 -7.27 15.26 7.74
CA ALA A 175 -8.61 14.75 7.40
C ALA A 175 -9.33 14.26 8.65
N TYR A 176 -8.59 13.53 9.48
CA TYR A 176 -9.09 13.05 10.75
C TYR A 176 -9.50 14.24 11.66
N GLU A 177 -8.64 15.25 11.77
CA GLU A 177 -8.90 16.40 12.67
C GLU A 177 -9.90 17.43 12.17
N LEU A 178 -10.04 17.60 10.85
CA LEU A 178 -11.02 18.56 10.28
C LEU A 178 -12.38 17.92 9.91
N GLY A 179 -12.41 16.60 9.83
CA GLY A 179 -13.61 15.84 9.48
C GLY A 179 -14.84 16.14 10.34
N PRO A 180 -14.67 16.25 11.65
CA PRO A 180 -15.85 16.57 12.47
C PRO A 180 -16.54 17.90 12.16
N LYS A 181 -15.82 18.88 11.63
CA LYS A 181 -16.40 20.12 11.07
C LYS A 181 -16.98 19.95 9.68
N GLY A 182 -16.96 18.74 9.15
CA GLY A 182 -17.44 18.50 7.78
C GLY A 182 -16.51 19.12 6.75
N VAL A 183 -15.23 19.19 7.05
CA VAL A 183 -14.19 19.68 6.14
C VAL A 183 -13.36 18.48 5.68
N ARG A 184 -13.23 18.33 4.36
CA ARG A 184 -12.46 17.23 3.78
C ARG A 184 -11.04 17.65 3.41
N VAL A 185 -10.13 16.67 3.43
CA VAL A 185 -8.71 16.91 3.06
C VAL A 185 -8.25 15.72 2.21
N ASN A 186 -7.73 16.03 1.02
CA ASN A 186 -7.32 15.04 0.02
C ASN A 186 -6.06 15.48 -0.75
N ALA A 187 -5.34 14.51 -1.30
CA ALA A 187 -4.19 14.78 -2.15
C ALA A 187 -4.48 14.28 -3.56
N ILE A 188 -4.06 15.04 -4.56
CA ILE A 188 -4.05 14.61 -5.95
C ILE A 188 -2.61 14.20 -6.20
N SER A 189 -2.41 12.92 -6.55
CA SER A 189 -1.10 12.49 -7.05
C SER A 189 -1.07 12.60 -8.58
N ALA A 190 -0.50 13.69 -9.08
CA ALA A 190 -0.47 13.96 -10.50
C ALA A 190 0.72 13.23 -11.13
N GLY A 191 0.55 12.76 -12.36
CA GLY A 191 1.71 12.34 -13.16
C GLY A 191 2.44 13.56 -13.71
N PRO A 192 3.58 13.35 -14.40
CA PRO A 192 4.42 14.43 -14.89
C PRO A 192 3.68 15.39 -15.81
N VAL A 193 3.77 16.69 -15.48
CA VAL A 193 3.19 17.75 -16.32
C VAL A 193 4.25 18.85 -16.48
N ARG A 194 4.43 19.36 -17.69
CA ARG A 194 5.48 20.35 -17.98
C ARG A 194 5.16 21.72 -17.40
N THR A 195 5.46 21.92 -16.13
CA THR A 195 5.21 23.18 -15.43
C THR A 195 6.55 23.87 -15.26
N VAL A 196 6.51 25.06 -14.66
CA VAL A 196 7.71 25.78 -14.30
C VAL A 196 8.64 24.92 -13.39
N ALA A 197 8.07 24.28 -12.37
CA ALA A 197 8.83 23.46 -11.45
C ALA A 197 9.38 22.17 -12.09
N ALA A 198 8.83 21.76 -13.24
CA ALA A 198 9.32 20.57 -13.96
C ALA A 198 10.83 20.67 -14.30
N ARG A 199 11.28 21.88 -14.61
CA ARG A 199 12.69 22.20 -14.89
C ARG A 199 13.65 21.90 -13.70
N SER A 200 13.10 21.94 -12.48
CA SER A 200 13.88 21.66 -11.27
C SER A 200 14.09 20.16 -10.99
N ILE A 201 13.54 19.27 -11.80
CA ILE A 201 13.87 17.84 -11.60
C ILE A 201 14.81 17.44 -12.71
N PRO A 202 16.05 17.07 -12.36
CA PRO A 202 16.96 16.59 -13.40
C PRO A 202 16.38 15.32 -14.00
N GLY A 203 16.43 15.20 -15.32
CA GLY A 203 15.86 14.02 -15.99
C GLY A 203 14.33 14.03 -16.02
N PHE A 204 13.72 15.20 -15.80
CA PHE A 204 12.28 15.32 -15.96
C PHE A 204 11.84 14.85 -17.33
N THR A 205 12.55 15.22 -18.40
CA THR A 205 12.08 14.83 -19.75
C THR A 205 12.13 13.32 -19.91
N LYS A 206 13.10 12.67 -19.28
CA LYS A 206 13.18 11.21 -19.28
C LYS A 206 11.96 10.63 -18.57
N MET A 207 11.62 11.18 -17.40
CA MET A 207 10.41 10.78 -16.63
C MET A 207 9.18 10.89 -17.49
N TYR A 208 9.08 12.04 -18.16
CA TYR A 208 7.95 12.42 -18.98
C TYR A 208 7.74 11.47 -20.15
N ASP A 209 8.80 11.22 -20.93
CA ASP A 209 8.75 10.26 -22.04
C ASP A 209 8.52 8.82 -21.54
N ARG A 210 9.11 8.46 -20.40
CA ARG A 210 8.97 7.12 -19.82
C ARG A 210 7.50 6.86 -19.42
N VAL A 211 6.89 7.83 -18.76
CA VAL A 211 5.48 7.73 -18.42
C VAL A 211 4.62 7.52 -19.66
N ALA A 212 4.85 8.28 -20.73
CA ALA A 212 4.07 8.15 -21.94
C ALA A 212 4.26 6.79 -22.61
N GLN A 213 5.45 6.20 -22.48
CA GLN A 213 5.70 4.84 -23.00
C GLN A 213 4.96 3.72 -22.25
N THR A 214 4.98 3.82 -20.91
CA THR A 214 4.63 2.69 -20.05
C THR A 214 3.22 2.78 -19.43
N ALA A 215 2.66 3.99 -19.36
CA ALA A 215 1.37 4.17 -18.66
C ALA A 215 0.30 3.42 -19.43
N PRO A 216 -0.74 2.86 -18.75
CA PRO A 216 -1.85 2.23 -19.45
C PRO A 216 -2.43 3.04 -20.62
N LEU A 217 -2.61 4.35 -20.47
CA LEU A 217 -3.15 5.16 -21.57
C LEU A 217 -2.09 5.54 -22.64
N ARG A 218 -0.83 5.17 -22.39
CA ARG A 218 0.29 5.45 -23.29
C ARG A 218 0.37 6.91 -23.65
N ARG A 219 0.19 7.77 -22.66
CA ARG A 219 0.29 9.19 -22.87
C ARG A 219 0.46 9.87 -21.53
N ASN A 220 0.92 11.09 -21.58
CA ASN A 220 1.01 11.88 -20.36
C ASN A 220 -0.38 12.44 -20.06
N ILE A 221 -0.59 12.82 -18.80
CA ILE A 221 -1.78 13.55 -18.41
C ILE A 221 -1.63 15.03 -18.75
N THR A 222 -2.74 15.75 -18.67
CA THR A 222 -2.75 17.20 -18.95
C THR A 222 -3.08 17.99 -17.70
N GLN A 223 -2.73 19.28 -17.74
CA GLN A 223 -3.08 20.24 -16.71
C GLN A 223 -4.58 20.19 -16.40
N GLU A 224 -5.39 20.12 -17.44
CA GLU A 224 -6.81 20.14 -17.27
C GLU A 224 -7.34 18.90 -16.53
N GLU A 225 -6.64 17.77 -16.68
CA GLU A 225 -7.03 16.52 -16.02
C GLU A 225 -6.81 16.66 -14.51
N VAL A 226 -5.73 17.34 -14.14
CA VAL A 226 -5.47 17.69 -12.73
C VAL A 226 -6.54 18.70 -12.24
N GLY A 227 -6.83 19.68 -13.09
CA GLY A 227 -7.81 20.71 -12.74
C GLY A 227 -9.16 20.11 -12.47
N ASN A 228 -9.57 19.18 -13.33
CA ASN A 228 -10.84 18.53 -13.18
C ASN A 228 -10.94 17.66 -11.93
N LEU A 229 -9.86 16.98 -11.57
CA LEU A 229 -9.89 16.16 -10.36
C LEU A 229 -9.95 17.05 -9.12
N GLY A 230 -9.20 18.13 -9.10
CA GLY A 230 -9.29 19.13 -8.02
C GLY A 230 -10.69 19.69 -7.90
N LEU A 231 -11.29 20.08 -9.04
CA LEU A 231 -12.71 20.50 -9.05
C LEU A 231 -13.64 19.44 -8.44
N PHE A 232 -13.49 18.18 -8.88
CA PHE A 232 -14.37 17.15 -8.38
C PHE A 232 -14.20 16.99 -6.88
N LEU A 233 -12.97 16.82 -6.41
CA LEU A 233 -12.74 16.58 -4.97
C LEU A 233 -13.20 17.71 -4.07
N LEU A 234 -13.08 18.94 -4.54
CA LEU A 234 -13.57 20.08 -3.79
C LEU A 234 -15.10 20.23 -3.84
N SER A 235 -15.71 19.81 -4.94
CA SER A 235 -17.15 19.95 -5.14
C SER A 235 -17.93 18.99 -4.25
N PRO A 236 -19.23 19.29 -4.04
CA PRO A 236 -20.08 18.40 -3.29
C PRO A 236 -20.25 17.02 -3.93
N LEU A 237 -19.88 16.86 -5.21
CA LEU A 237 -19.91 15.54 -5.85
C LEU A 237 -19.01 14.52 -5.10
N ALA A 238 -17.96 15.01 -4.45
CA ALA A 238 -16.99 14.20 -3.68
C ALA A 238 -17.23 14.25 -2.18
N SER A 239 -18.47 14.50 -1.77
CA SER A 239 -18.78 14.76 -0.35
C SER A 239 -18.44 13.60 0.59
N GLY A 240 -18.37 12.38 0.07
CA GLY A 240 -17.97 11.24 0.90
C GLY A 240 -16.51 10.85 0.88
N ILE A 241 -15.65 11.65 0.28
CA ILE A 241 -14.23 11.31 0.03
C ILE A 241 -13.31 12.21 0.82
N THR A 242 -12.60 11.63 1.78
CA THR A 242 -11.64 12.38 2.56
C THR A 242 -10.45 11.50 3.00
N GLY A 243 -9.31 12.16 3.17
CA GLY A 243 -8.09 11.52 3.57
C GLY A 243 -7.36 10.73 2.50
N GLU A 244 -7.80 10.89 1.26
CA GLU A 244 -7.37 10.05 0.13
C GLU A 244 -6.25 10.67 -0.64
N VAL A 245 -5.46 9.80 -1.26
CA VAL A 245 -4.53 10.18 -2.31
C VAL A 245 -5.05 9.58 -3.62
N VAL A 246 -5.48 10.45 -4.52
CA VAL A 246 -6.13 10.02 -5.75
C VAL A 246 -5.18 10.34 -6.91
N TYR A 247 -4.87 9.32 -7.71
CA TYR A 247 -3.88 9.41 -8.76
C TYR A 247 -4.52 9.82 -10.07
N VAL A 248 -3.91 10.81 -10.71
CA VAL A 248 -4.28 11.21 -12.06
C VAL A 248 -2.98 11.16 -12.85
N ASP A 249 -2.63 9.95 -13.29
CA ASP A 249 -1.34 9.70 -13.89
C ASP A 249 -1.41 8.73 -15.10
N ALA A 250 -2.58 8.64 -15.72
CA ALA A 250 -2.80 7.73 -16.85
C ALA A 250 -2.52 6.25 -16.50
N GLY A 251 -2.57 5.96 -15.19
CA GLY A 251 -2.37 4.64 -14.66
C GLY A 251 -0.92 4.28 -14.43
N TYR A 252 0.00 5.22 -14.65
CA TYR A 252 1.43 4.92 -14.59
C TYR A 252 1.82 4.16 -13.31
N HIS A 253 1.40 4.63 -12.15
CA HIS A 253 1.83 4.06 -10.87
C HIS A 253 1.37 2.62 -10.56
N ILE A 254 0.41 2.08 -11.31
CA ILE A 254 -0.05 0.70 -11.13
C ILE A 254 0.87 -0.29 -11.84
N MET A 255 1.78 0.24 -12.67
CA MET A 255 2.57 -0.59 -13.54
C MET A 255 3.79 -1.12 -12.81
N GLY A 256 4.07 -2.40 -13.03
CA GLY A 256 5.36 -2.97 -12.71
C GLY A 256 6.17 -3.02 -13.99
N MET A 257 7.21 -3.83 -14.00
CA MET A 257 8.08 -3.96 -15.16
C MET A 257 7.33 -4.30 -16.44
N GLU A 258 7.53 -3.47 -17.48
CA GLU A 258 7.00 -3.74 -18.81
C GLU A 258 8.17 -4.00 -19.79
N LEU A 259 7.84 -4.60 -20.94
CA LEU A 259 8.81 -4.96 -21.99
C LEU A 259 9.65 -6.15 -21.50
N MET B 1 21.34 -27.99 13.48
CA MET B 1 21.15 -26.56 13.84
C MET B 1 21.93 -25.63 12.91
N LEU B 2 21.35 -24.46 12.69
CA LEU B 2 21.90 -23.46 11.79
C LEU B 2 22.49 -22.34 12.66
N THR B 3 23.62 -21.79 12.24
CA THR B 3 24.36 -20.86 13.08
C THR B 3 24.49 -19.48 12.43
N VAL B 4 24.30 -18.44 13.25
CA VAL B 4 24.55 -17.06 12.84
C VAL B 4 25.80 -16.57 13.56
N ASP B 5 26.93 -16.58 12.86
CA ASP B 5 28.19 -16.16 13.48
C ASP B 5 28.64 -14.81 12.93
N LEU B 6 28.62 -13.78 13.78
CA LEU B 6 29.02 -12.45 13.34
C LEU B 6 30.37 -12.05 13.91
N SER B 7 31.17 -13.05 14.31
CA SER B 7 32.56 -12.81 14.67
C SER B 7 33.21 -11.98 13.60
N GLY B 8 33.98 -10.99 14.02
CA GLY B 8 34.68 -10.10 13.10
C GLY B 8 33.84 -8.93 12.61
N LYS B 9 32.55 -8.90 12.93
CA LYS B 9 31.69 -7.83 12.39
C LYS B 9 31.61 -6.70 13.40
N LYS B 10 31.48 -5.47 12.90
CA LYS B 10 31.45 -4.29 13.73
C LYS B 10 30.10 -3.58 13.58
N ALA B 11 29.44 -3.34 14.71
CA ALA B 11 28.18 -2.64 14.76
C ALA B 11 28.25 -1.33 15.55
N LEU B 12 27.54 -0.32 15.03
CA LEU B 12 27.23 0.91 15.75
C LEU B 12 25.71 1.00 15.93
N VAL B 13 25.26 1.08 17.18
CA VAL B 13 23.87 1.18 17.57
C VAL B 13 23.63 2.55 18.21
N MET B 14 22.83 3.36 17.53
CA MET B 14 22.60 4.73 17.95
C MET B 14 21.20 4.85 18.57
N GLY B 15 21.13 5.37 19.79
CA GLY B 15 19.87 5.65 20.47
C GLY B 15 19.53 4.67 21.57
N VAL B 16 20.47 4.43 22.48
CA VAL B 16 20.18 3.60 23.63
C VAL B 16 20.04 4.51 24.85
N THR B 17 19.02 4.21 25.65
CA THR B 17 18.79 4.90 26.92
C THR B 17 18.91 3.91 28.04
N ASN B 18 18.30 2.74 27.90
CA ASN B 18 18.39 1.75 28.94
C ASN B 18 18.14 0.38 28.37
N GLN B 19 18.03 -0.61 29.24
CA GLN B 19 17.98 -2.00 28.83
C GLN B 19 16.66 -2.37 28.14
N ARG B 20 15.64 -1.52 28.27
CA ARG B 20 14.38 -1.69 27.54
C ARG B 20 14.35 -0.99 26.15
N SER B 21 15.37 -0.22 25.83
CA SER B 21 15.53 0.43 24.52
C SER B 21 15.53 -0.59 23.38
N LEU B 22 14.74 -0.35 22.33
CA LEU B 22 14.68 -1.29 21.17
C LEU B 22 16.04 -1.44 20.52
N GLY B 23 16.77 -0.33 20.41
CA GLY B 23 18.14 -0.36 19.91
C GLY B 23 19.03 -1.27 20.76
N PHE B 24 18.90 -1.20 22.08
CA PHE B 24 19.64 -2.12 22.94
C PHE B 24 19.20 -3.61 22.70
N ALA B 25 17.93 -3.88 22.46
CA ALA B 25 17.52 -5.26 22.13
C ALA B 25 18.28 -5.79 20.90
N ILE B 26 18.45 -4.94 19.89
CA ILE B 26 19.16 -5.35 18.66
C ILE B 26 20.67 -5.50 18.98
N ALA B 27 21.21 -4.57 19.78
CA ALA B 27 22.61 -4.63 20.23
C ALA B 27 22.96 -5.96 20.92
N ALA B 28 22.10 -6.38 21.84
CA ALA B 28 22.26 -7.61 22.61
C ALA B 28 22.29 -8.84 21.70
N LYS B 29 21.41 -8.89 20.71
CA LYS B 29 21.42 -9.97 19.70
C LYS B 29 22.65 -9.96 18.81
N LEU B 30 23.10 -8.77 18.40
CA LEU B 30 24.31 -8.70 17.57
C LEU B 30 25.51 -9.19 18.38
N LYS B 31 25.57 -8.79 19.64
CA LYS B 31 26.66 -9.16 20.53
C LYS B 31 26.67 -10.67 20.78
N GLU B 32 25.49 -11.22 21.08
CA GLU B 32 25.29 -12.65 21.27
C GLU B 32 25.73 -13.44 20.02
N ALA B 33 25.41 -12.89 18.85
CA ALA B 33 25.83 -13.48 17.57
C ALA B 33 27.35 -13.36 17.29
N GLY B 34 28.07 -12.59 18.14
CA GLY B 34 29.54 -12.49 18.10
C GLY B 34 30.07 -11.18 17.53
N ALA B 35 29.19 -10.25 17.18
CA ALA B 35 29.64 -8.99 16.62
C ALA B 35 30.24 -8.16 17.73
N GLU B 36 31.14 -7.25 17.37
CA GLU B 36 31.59 -6.20 18.29
C GLU B 36 30.64 -5.02 18.16
N VAL B 37 30.19 -4.45 19.29
CA VAL B 37 29.15 -3.42 19.27
C VAL B 37 29.62 -2.14 19.96
N ALA B 38 29.52 -1.03 19.24
CA ALA B 38 29.64 0.31 19.81
C ALA B 38 28.24 0.88 19.98
N LEU B 39 28.03 1.63 21.08
CA LEU B 39 26.76 2.30 21.38
C LEU B 39 26.95 3.82 21.35
N SER B 40 25.94 4.52 20.82
CA SER B 40 25.90 5.97 20.99
C SER B 40 24.69 6.40 21.81
N TYR B 41 24.97 7.36 22.69
CA TYR B 41 23.96 7.92 23.56
C TYR B 41 23.94 9.43 23.40
N GLN B 42 22.81 10.01 23.73
CA GLN B 42 22.47 11.38 23.32
C GLN B 42 23.22 12.49 24.03
N ALA B 43 23.37 12.34 25.35
CA ALA B 43 23.86 13.43 26.18
C ALA B 43 24.59 12.91 27.39
N GLU B 44 25.55 13.72 27.86
CA GLU B 44 26.38 13.39 29.03
C GLU B 44 25.54 12.87 30.19
N ARG B 45 24.35 13.44 30.36
CA ARG B 45 23.36 12.95 31.32
C ARG B 45 23.08 11.43 31.28
N LEU B 46 23.06 10.85 30.08
CA LEU B 46 22.74 9.43 29.90
C LEU B 46 23.95 8.49 30.04
N ARG B 47 25.13 9.02 30.28
CA ARG B 47 26.33 8.21 30.31
C ARG B 47 26.39 7.11 31.37
N PRO B 48 26.00 7.41 32.61
CA PRO B 48 26.13 6.34 33.59
C PRO B 48 25.36 5.12 33.16
N GLU B 49 24.14 5.30 32.67
CA GLU B 49 23.32 4.18 32.22
C GLU B 49 23.85 3.50 30.93
N ALA B 50 24.37 4.32 30.01
CA ALA B 50 25.08 3.81 28.83
C ALA B 50 26.21 2.86 29.23
N GLU B 51 26.96 3.21 30.27
CA GLU B 51 28.02 2.33 30.80
C GLU B 51 27.49 1.04 31.38
N LYS B 52 26.33 1.09 32.03
CA LYS B 52 25.68 -0.13 32.50
C LYS B 52 25.22 -1.04 31.32
N LEU B 53 24.79 -0.43 30.22
CA LEU B 53 24.46 -1.17 29.01
C LEU B 53 25.71 -1.80 28.38
N ALA B 54 26.78 -1.02 28.26
CA ALA B 54 28.06 -1.52 27.74
C ALA B 54 28.52 -2.73 28.56
N GLU B 55 28.37 -2.63 29.88
CA GLU B 55 28.66 -3.72 30.80
C GLU B 55 27.75 -4.94 30.57
N ALA B 56 26.45 -4.72 30.41
CA ALA B 56 25.53 -5.84 30.19
C ALA B 56 25.84 -6.57 28.88
N LEU B 57 26.53 -5.91 27.96
CA LEU B 57 26.93 -6.54 26.72
C LEU B 57 28.26 -7.30 26.83
N GLY B 58 28.90 -7.26 28.00
CA GLY B 58 30.23 -7.83 28.16
C GLY B 58 31.25 -6.98 27.44
N GLY B 59 31.02 -5.66 27.43
CA GLY B 59 31.94 -4.72 26.79
C GLY B 59 31.36 -4.15 25.50
N ALA B 60 31.47 -2.83 25.38
CA ALA B 60 31.01 -2.08 24.21
C ALA B 60 31.65 -0.73 24.32
N LEU B 61 32.19 -0.24 23.23
CA LEU B 61 32.64 1.15 23.13
C LEU B 61 31.45 2.09 23.27
N LEU B 62 31.69 3.29 23.82
CA LEU B 62 30.65 4.30 24.00
C LEU B 62 31.04 5.61 23.38
N PHE B 63 30.06 6.25 22.74
CA PHE B 63 30.26 7.56 22.12
C PHE B 63 29.01 8.38 22.39
N ARG B 64 29.21 9.68 22.67
CA ARG B 64 28.09 10.61 22.86
C ARG B 64 27.89 11.41 21.58
N ALA B 65 26.65 11.51 21.13
CA ALA B 65 26.32 12.28 19.92
C ALA B 65 24.85 12.64 19.87
N ASP B 66 24.58 13.94 19.77
CA ASP B 66 23.21 14.43 19.55
C ASP B 66 23.10 14.66 18.06
N VAL B 67 22.12 14.01 17.42
CA VAL B 67 22.00 14.00 15.95
C VAL B 67 21.59 15.36 15.35
N THR B 68 21.29 16.35 16.18
CA THR B 68 21.10 17.70 15.67
C THR B 68 22.43 18.46 15.53
N GLN B 69 23.53 17.86 16.00
CA GLN B 69 24.84 18.55 16.01
C GLN B 69 25.78 17.89 15.04
N ASP B 70 25.96 18.48 13.87
CA ASP B 70 26.77 17.88 12.83
C ASP B 70 28.21 17.61 13.26
N GLU B 71 28.75 18.46 14.13
CA GLU B 71 30.14 18.27 14.61
C GLU B 71 30.23 17.11 15.59
N GLU B 72 29.20 16.91 16.41
CA GLU B 72 29.16 15.71 17.24
C GLU B 72 29.07 14.44 16.41
N LEU B 73 28.31 14.49 15.30
CA LEU B 73 28.22 13.34 14.39
C LEU B 73 29.56 13.08 13.70
N ASP B 74 30.21 14.16 13.25
CA ASP B 74 31.55 14.05 12.63
C ASP B 74 32.49 13.37 13.60
N ALA B 75 32.48 13.83 14.85
CA ALA B 75 33.33 13.27 15.90
C ALA B 75 32.99 11.80 16.17
N LEU B 76 31.70 11.47 16.15
CA LEU B 76 31.29 10.09 16.38
C LEU B 76 31.86 9.13 15.35
N PHE B 77 31.73 9.47 14.07
CA PHE B 77 32.25 8.61 13.01
C PHE B 77 33.79 8.64 12.85
N ALA B 78 34.42 9.74 13.25
CA ALA B 78 35.89 9.74 13.42
C ALA B 78 36.29 8.71 14.50
N GLY B 79 35.57 8.71 15.61
CA GLY B 79 35.82 7.78 16.73
C GLY B 79 35.61 6.31 16.39
N VAL B 80 34.53 6.03 15.67
CA VAL B 80 34.23 4.68 15.22
C VAL B 80 35.34 4.22 14.24
N LYS B 81 35.67 5.09 13.30
CA LYS B 81 36.71 4.79 12.29
C LYS B 81 38.04 4.44 12.95
N GLU B 82 38.46 5.27 13.90
CA GLU B 82 39.69 5.03 14.64
C GLU B 82 39.62 3.72 15.44
N ALA B 83 38.51 3.49 16.14
CA ALA B 83 38.35 2.28 16.95
C ALA B 83 38.21 1.00 16.13
N PHE B 84 37.47 1.04 15.02
CA PHE B 84 37.06 -0.16 14.27
C PHE B 84 37.67 -0.28 12.87
N GLY B 85 38.13 0.82 12.30
CA GLY B 85 38.62 0.87 10.92
C GLY B 85 37.54 0.80 9.86
N GLY B 86 36.33 0.47 10.23
CA GLY B 86 35.25 0.28 9.28
C GLY B 86 34.01 -0.15 10.03
N LEU B 87 32.94 -0.45 9.32
CA LEU B 87 31.67 -0.78 9.96
C LEU B 87 30.94 -1.77 9.10
N ASP B 88 30.23 -2.69 9.74
CA ASP B 88 29.34 -3.59 9.03
C ASP B 88 27.87 -3.23 9.23
N TYR B 89 27.49 -2.91 10.47
CA TYR B 89 26.07 -2.65 10.82
C TYR B 89 25.87 -1.32 11.52
N LEU B 90 24.79 -0.63 11.15
CA LEU B 90 24.37 0.57 11.78
C LEU B 90 22.90 0.47 12.15
N VAL B 91 22.62 0.60 13.45
CA VAL B 91 21.24 0.62 13.95
C VAL B 91 20.88 2.05 14.33
N HIS B 92 19.80 2.56 13.73
CA HIS B 92 19.31 3.91 13.97
C HIS B 92 18.03 3.77 14.79
N ALA B 93 18.14 4.02 16.09
CA ALA B 93 17.06 3.82 17.02
C ALA B 93 16.77 5.14 17.73
N ILE B 94 16.59 6.20 16.95
CA ILE B 94 16.47 7.55 17.47
C ILE B 94 15.17 8.21 17.00
N ALA B 95 14.39 8.76 17.93
CA ALA B 95 13.26 9.60 17.58
C ALA B 95 13.04 10.62 18.67
N PHE B 96 12.43 11.75 18.30
CA PHE B 96 11.99 12.75 19.26
C PHE B 96 10.98 13.69 18.64
N ALA B 97 10.00 14.11 19.43
CA ALA B 97 9.11 15.20 19.09
C ALA B 97 8.72 15.91 20.39
N PRO B 98 8.69 17.25 20.36
CA PRO B 98 8.33 18.00 21.56
C PRO B 98 7.02 17.53 22.16
N ARG B 99 6.96 17.55 23.48
CA ARG B 99 5.79 17.15 24.26
C ARG B 99 4.52 17.86 23.81
N GLU B 100 4.64 19.14 23.52
CA GLU B 100 3.51 19.93 23.04
C GLU B 100 3.01 19.40 21.70
N ALA B 101 3.93 19.03 20.83
CA ALA B 101 3.54 18.48 19.54
C ALA B 101 2.73 17.18 19.71
N MET B 102 3.07 16.38 20.72
CA MET B 102 2.46 15.06 20.94
C MET B 102 1.20 15.11 21.79
N GLU B 103 1.02 16.20 22.51
CA GLU B 103 -0.12 16.33 23.43
C GLU B 103 -1.32 16.98 22.74
N GLY B 104 -1.05 17.84 21.77
CA GLY B 104 -2.12 18.55 21.07
C GLY B 104 -2.68 17.85 19.83
N ARG B 105 -3.27 18.65 18.94
CA ARG B 105 -3.65 18.16 17.63
C ARG B 105 -2.47 18.31 16.70
N TYR B 106 -2.42 17.44 15.67
CA TYR B 106 -1.40 17.57 14.66
C TYR B 106 -1.51 18.94 13.97
N ILE B 107 -2.74 19.35 13.70
CA ILE B 107 -2.97 20.61 12.99
C ILE B 107 -2.41 21.84 13.74
N ASP B 108 -2.29 21.72 15.07
CA ASP B 108 -1.73 22.78 15.92
C ASP B 108 -0.23 22.68 16.14
N THR B 109 0.46 21.76 15.44
CA THR B 109 1.90 21.66 15.57
C THR B 109 2.61 22.99 15.16
N ARG B 110 3.42 23.52 16.07
CA ARG B 110 4.20 24.75 15.84
C ARG B 110 5.31 24.43 14.86
N ARG B 111 5.63 25.39 14.02
CA ARG B 111 6.67 25.24 12.99
C ARG B 111 7.98 24.66 13.55
N GLN B 112 8.51 25.24 14.62
CA GLN B 112 9.78 24.74 15.14
C GLN B 112 9.72 23.35 15.80
N ASP B 113 8.59 23.02 16.42
CA ASP B 113 8.38 21.68 16.97
C ASP B 113 8.32 20.63 15.85
N TRP B 114 7.55 20.96 14.81
CA TRP B 114 7.43 20.12 13.60
C TRP B 114 8.79 19.84 12.99
N LEU B 115 9.53 20.91 12.69
CA LEU B 115 10.86 20.79 12.13
C LEU B 115 11.83 19.98 13.02
N LEU B 116 11.80 20.20 14.34
CA LEU B 116 12.68 19.44 15.25
C LEU B 116 12.36 17.94 15.20
N ALA B 117 11.06 17.60 15.20
CA ALA B 117 10.61 16.22 15.12
C ALA B 117 11.15 15.52 13.88
N LEU B 118 11.00 16.16 12.73
CA LEU B 118 11.48 15.63 11.46
C LEU B 118 13.01 15.59 11.41
N GLU B 119 13.65 16.61 11.96
CA GLU B 119 15.11 16.63 11.98
C GLU B 119 15.71 15.46 12.80
N VAL B 120 15.19 15.26 14.02
CA VAL B 120 15.71 14.23 14.91
C VAL B 120 15.27 12.83 14.49
N SER B 121 14.01 12.71 14.02
CA SER B 121 13.41 11.41 13.80
C SER B 121 13.56 10.90 12.36
N ALA B 122 13.79 11.79 11.39
CA ALA B 122 13.95 11.37 10.00
C ALA B 122 15.27 11.82 9.40
N TYR B 123 15.57 13.12 9.42
CA TYR B 123 16.82 13.59 8.82
C TYR B 123 18.06 12.90 9.38
N SER B 124 18.02 12.58 10.68
CA SER B 124 19.13 11.91 11.35
C SER B 124 19.55 10.61 10.66
N LEU B 125 18.62 9.90 10.03
CA LEU B 125 18.99 8.69 9.33
C LEU B 125 19.92 9.05 8.16
N VAL B 126 19.58 10.14 7.49
CA VAL B 126 20.35 10.58 6.34
C VAL B 126 21.75 11.03 6.82
N ALA B 127 21.79 11.84 7.88
CA ALA B 127 23.04 12.37 8.44
C ALA B 127 24.00 11.24 8.86
N VAL B 128 23.48 10.23 9.54
CA VAL B 128 24.30 9.07 9.92
C VAL B 128 24.63 8.10 8.76
N ALA B 129 23.71 7.89 7.82
CA ALA B 129 24.01 7.09 6.65
C ALA B 129 25.16 7.66 5.81
N ARG B 130 25.10 8.98 5.54
CA ARG B 130 26.15 9.65 4.79
C ARG B 130 27.52 9.42 5.40
N ARG B 131 27.60 9.60 6.73
CA ARG B 131 28.85 9.50 7.45
C ARG B 131 29.33 8.04 7.55
N ALA B 132 28.39 7.13 7.66
CA ALA B 132 28.69 5.71 7.76
C ALA B 132 29.13 5.13 6.41
N GLU B 133 28.64 5.71 5.32
CA GLU B 133 28.83 5.15 3.98
C GLU B 133 30.28 4.77 3.62
N PRO B 134 31.24 5.71 3.83
CA PRO B 134 32.63 5.35 3.52
C PRO B 134 33.21 4.27 4.43
N LEU B 135 32.60 4.06 5.60
CA LEU B 135 33.03 3.04 6.54
C LEU B 135 32.38 1.68 6.27
N LEU B 136 31.21 1.71 5.63
CA LEU B 136 30.37 0.52 5.56
C LEU B 136 30.93 -0.45 4.56
N ARG B 137 31.11 -1.68 5.03
CA ARG B 137 31.63 -2.75 4.20
C ARG B 137 30.54 -3.45 3.41
N GLU B 138 30.95 -4.08 2.32
CA GLU B 138 30.06 -4.91 1.55
C GLU B 138 29.46 -5.95 2.47
N GLY B 139 28.18 -6.22 2.24
CA GLY B 139 27.40 -7.12 3.07
C GLY B 139 26.80 -6.39 4.27
N GLY B 140 27.16 -5.12 4.41
CA GLY B 140 26.79 -4.33 5.54
C GLY B 140 25.37 -3.81 5.42
N GLY B 141 24.94 -3.10 6.46
CA GLY B 141 23.52 -2.70 6.51
C GLY B 141 23.16 -1.65 7.54
N ILE B 142 22.04 -0.98 7.25
CA ILE B 142 21.47 0.02 8.15
C ILE B 142 20.05 -0.43 8.47
N VAL B 143 19.68 -0.43 9.75
CA VAL B 143 18.30 -0.73 10.10
C VAL B 143 17.77 0.38 10.99
N THR B 144 16.56 0.82 10.67
CA THR B 144 15.90 1.85 11.49
C THR B 144 14.59 1.27 12.03
N LEU B 145 13.93 2.04 12.92
CA LEU B 145 12.66 1.64 13.54
C LEU B 145 11.55 2.64 13.25
N THR B 146 10.39 2.12 12.87
CA THR B 146 9.27 2.94 12.48
C THR B 146 8.01 2.38 13.14
N TYR B 147 6.88 2.97 12.78
CA TYR B 147 5.57 2.62 13.34
C TYR B 147 4.45 2.86 12.32
N TYR B 148 3.39 2.04 12.43
CA TYR B 148 2.26 1.94 11.50
C TYR B 148 1.55 3.25 11.20
N ALA B 149 1.64 4.18 12.14
CA ALA B 149 1.01 5.50 12.00
C ALA B 149 1.51 6.29 10.78
N SER B 150 2.67 5.91 10.24
CA SER B 150 3.10 6.48 8.96
C SER B 150 2.05 6.27 7.87
N GLU B 151 1.37 5.10 7.93
CA GLU B 151 0.39 4.62 6.90
C GLU B 151 -1.04 4.98 7.28
N LYS B 152 -1.38 4.89 8.56
CA LYS B 152 -2.78 5.04 9.01
C LYS B 152 -2.83 5.87 10.26
N VAL B 153 -3.95 6.58 10.45
CA VAL B 153 -4.03 7.53 11.55
C VAL B 153 -4.11 6.82 12.92
N VAL B 154 -3.12 7.09 13.76
CA VAL B 154 -3.14 6.71 15.16
C VAL B 154 -3.22 8.03 15.93
N PRO B 155 -4.41 8.31 16.50
CA PRO B 155 -4.62 9.61 17.13
C PRO B 155 -3.54 9.91 18.17
N LYS B 156 -3.10 11.17 18.18
CA LYS B 156 -2.11 11.69 19.08
C LYS B 156 -0.64 11.32 18.76
N TYR B 157 -0.38 10.39 17.84
CA TYR B 157 1.01 10.10 17.44
C TYR B 157 1.53 11.27 16.58
N ASN B 158 0.59 11.92 15.88
CA ASN B 158 0.76 13.29 15.36
C ASN B 158 1.99 13.44 14.50
N VAL B 159 2.87 14.39 14.83
CA VAL B 159 4.00 14.68 13.97
C VAL B 159 4.94 13.47 13.85
N MET B 160 5.01 12.62 14.85
CA MET B 160 5.82 11.42 14.71
C MET B 160 5.37 10.51 13.55
N ALA B 161 4.06 10.44 13.28
CA ALA B 161 3.54 9.68 12.12
C ALA B 161 4.16 10.21 10.82
N ILE B 162 4.18 11.54 10.71
CA ILE B 162 4.70 12.24 9.53
C ILE B 162 6.24 12.02 9.40
N ALA B 163 6.98 12.15 10.50
CA ALA B 163 8.39 11.79 10.58
C ALA B 163 8.66 10.33 10.18
N LYS B 164 7.85 9.38 10.68
CA LYS B 164 8.01 7.99 10.28
C LYS B 164 7.72 7.80 8.78
N ALA B 165 6.76 8.53 8.24
CA ALA B 165 6.51 8.45 6.80
C ALA B 165 7.77 8.96 6.03
N ALA B 166 8.40 10.00 6.56
CA ALA B 166 9.62 10.54 5.95
C ALA B 166 10.76 9.55 6.10
N LEU B 167 10.83 8.93 7.27
CA LEU B 167 11.84 7.93 7.58
C LEU B 167 11.77 6.73 6.61
N GLU B 168 10.56 6.28 6.33
CA GLU B 168 10.35 5.11 5.47
C GLU B 168 10.69 5.40 4.02
N ALA B 169 10.31 6.60 3.54
CA ALA B 169 10.67 6.96 2.18
C ALA B 169 12.19 7.14 2.13
N SER B 170 12.81 7.61 3.20
CA SER B 170 14.29 7.73 3.30
C SER B 170 14.96 6.37 3.21
N VAL B 171 14.38 5.38 3.87
CA VAL B 171 14.86 4.00 3.79
C VAL B 171 14.92 3.53 2.32
N ARG B 172 13.87 3.82 1.55
CA ARG B 172 13.80 3.36 0.15
C ARG B 172 14.86 4.03 -0.70
N TYR B 173 15.02 5.35 -0.56
CA TYR B 173 16.04 6.07 -1.34
C TYR B 173 17.44 5.67 -0.90
N LEU B 174 17.62 5.49 0.39
CA LEU B 174 18.95 5.13 0.86
C LEU B 174 19.35 3.69 0.45
N ALA B 175 18.38 2.77 0.43
CA ALA B 175 18.59 1.44 -0.12
C ALA B 175 19.02 1.51 -1.59
N TYR B 176 18.34 2.35 -2.37
CA TYR B 176 18.67 2.57 -3.78
C TYR B 176 20.12 3.12 -3.96
N GLU B 177 20.53 4.05 -3.11
CA GLU B 177 21.83 4.70 -3.21
C GLU B 177 23.01 3.92 -2.63
N LEU B 178 22.74 3.09 -1.63
CA LEU B 178 23.80 2.33 -1.00
C LEU B 178 23.91 0.92 -1.55
N GLY B 179 22.86 0.46 -2.23
CA GLY B 179 22.84 -0.91 -2.75
C GLY B 179 23.98 -1.28 -3.68
N PRO B 180 24.42 -0.34 -4.56
CA PRO B 180 25.55 -0.61 -5.47
C PRO B 180 26.85 -1.00 -4.75
N LYS B 181 27.06 -0.45 -3.55
CA LYS B 181 28.21 -0.83 -2.68
C LYS B 181 27.97 -2.02 -1.75
N GLY B 182 26.88 -2.76 -1.99
CA GLY B 182 26.56 -3.97 -1.27
C GLY B 182 26.03 -3.77 0.15
N VAL B 183 25.39 -2.61 0.40
CA VAL B 183 24.91 -2.25 1.73
C VAL B 183 23.38 -2.14 1.66
N ARG B 184 22.70 -2.79 2.59
CA ARG B 184 21.24 -2.84 2.61
C ARG B 184 20.68 -1.86 3.64
N VAL B 185 19.46 -1.42 3.39
CA VAL B 185 18.78 -0.50 4.27
C VAL B 185 17.34 -0.94 4.38
N ASN B 186 16.90 -1.10 5.62
CA ASN B 186 15.57 -1.56 5.96
C ASN B 186 15.05 -0.85 7.22
N ALA B 187 13.73 -0.88 7.39
CA ALA B 187 13.08 -0.41 8.59
C ALA B 187 12.32 -1.57 9.24
N ILE B 188 12.33 -1.60 10.58
CA ILE B 188 11.50 -2.51 11.37
C ILE B 188 10.32 -1.69 11.89
N SER B 189 9.09 -2.07 11.51
CA SER B 189 7.89 -1.43 12.07
C SER B 189 7.43 -2.25 13.28
N ALA B 190 7.78 -1.75 14.47
CA ALA B 190 7.47 -2.43 15.71
C ALA B 190 6.10 -1.99 16.20
N GLY B 191 5.37 -2.92 16.76
CA GLY B 191 4.21 -2.59 17.53
C GLY B 191 4.65 -2.00 18.85
N PRO B 192 3.68 -1.56 19.66
CA PRO B 192 3.96 -0.91 20.90
C PRO B 192 4.73 -1.80 21.88
N VAL B 193 5.79 -1.23 22.44
CA VAL B 193 6.65 -1.83 23.44
C VAL B 193 6.96 -0.74 24.47
N ARG B 194 6.84 -1.11 25.74
CA ARG B 194 7.12 -0.22 26.86
C ARG B 194 8.62 0.04 26.98
N THR B 195 9.03 1.18 26.41
CA THR B 195 10.37 1.74 26.53
C THR B 195 10.24 3.09 27.24
N VAL B 196 11.36 3.73 27.55
CA VAL B 196 11.32 5.10 28.11
C VAL B 196 10.49 6.01 27.18
N ALA B 197 10.67 5.90 25.86
CA ALA B 197 10.02 6.83 24.95
C ALA B 197 8.51 6.66 24.87
N ALA B 198 8.02 5.46 25.21
CA ALA B 198 6.58 5.15 25.20
C ALA B 198 5.79 6.01 26.18
N ARG B 199 6.49 6.44 27.24
CA ARG B 199 5.93 7.36 28.21
C ARG B 199 5.68 8.77 27.60
N SER B 200 6.17 9.02 26.38
CA SER B 200 5.94 10.28 25.68
C SER B 200 4.74 10.25 24.73
N ILE B 201 4.12 9.07 24.62
CA ILE B 201 2.88 8.88 23.88
C ILE B 201 1.74 8.79 24.90
N PRO B 202 0.92 9.85 25.00
CA PRO B 202 -0.16 9.88 25.99
C PRO B 202 -1.10 8.67 25.94
N GLY B 203 -1.54 8.29 24.75
CA GLY B 203 -2.49 7.17 24.66
C GLY B 203 -1.86 5.78 24.65
N PHE B 204 -0.61 5.64 25.13
CA PHE B 204 0.12 4.38 24.88
C PHE B 204 -0.61 3.18 25.46
N THR B 205 -1.11 3.30 26.69
CA THR B 205 -1.79 2.18 27.33
C THR B 205 -3.02 1.77 26.55
N LYS B 206 -3.75 2.75 26.00
CA LYS B 206 -4.89 2.48 25.15
C LYS B 206 -4.50 1.77 23.86
N MET B 207 -3.38 2.21 23.26
CA MET B 207 -2.82 1.58 22.05
C MET B 207 -2.43 0.13 22.34
N TYR B 208 -1.71 -0.07 23.43
CA TYR B 208 -1.32 -1.41 23.90
C TYR B 208 -2.53 -2.32 24.10
N ASP B 209 -3.61 -1.80 24.68
CA ASP B 209 -4.82 -2.59 24.89
C ASP B 209 -5.51 -2.95 23.58
N ARG B 210 -5.63 -1.97 22.70
CA ARG B 210 -6.23 -2.23 21.39
C ARG B 210 -5.50 -3.34 20.68
N VAL B 211 -4.16 -3.29 20.68
CA VAL B 211 -3.34 -4.31 20.01
C VAL B 211 -3.63 -5.71 20.57
N ALA B 212 -3.59 -5.87 21.90
CA ALA B 212 -3.90 -7.17 22.53
C ALA B 212 -5.29 -7.68 22.15
N GLN B 213 -6.23 -6.76 22.03
CA GLN B 213 -7.62 -7.09 21.71
C GLN B 213 -7.81 -7.52 20.24
N THR B 214 -7.08 -6.85 19.35
CA THR B 214 -7.32 -6.90 17.90
C THR B 214 -6.31 -7.77 17.13
N ALA B 215 -5.06 -7.82 17.56
CA ALA B 215 -4.00 -8.42 16.77
C ALA B 215 -4.29 -9.91 16.62
N PRO B 216 -3.95 -10.51 15.47
CA PRO B 216 -4.09 -11.98 15.31
C PRO B 216 -3.57 -12.82 16.47
N LEU B 217 -2.41 -12.45 17.01
CA LEU B 217 -1.80 -13.20 18.10
C LEU B 217 -2.43 -12.87 19.48
N ARG B 218 -3.36 -11.91 19.52
CA ARG B 218 -4.05 -11.52 20.77
C ARG B 218 -3.08 -11.14 21.90
N ARG B 219 -1.98 -10.52 21.52
CA ARG B 219 -1.00 -10.07 22.46
C ARG B 219 -0.10 -9.01 21.81
N ASN B 220 0.58 -8.29 22.67
CA ASN B 220 1.60 -7.37 22.25
C ASN B 220 2.90 -8.10 21.98
N ILE B 221 3.73 -7.50 21.13
CA ILE B 221 5.08 -8.01 20.87
C ILE B 221 6.01 -7.71 22.05
N THR B 222 7.19 -8.33 21.99
CA THR B 222 8.23 -8.18 23.00
C THR B 222 9.46 -7.47 22.43
N GLN B 223 10.27 -6.94 23.33
CA GLN B 223 11.55 -6.34 22.99
C GLN B 223 12.43 -7.32 22.20
N GLU B 224 12.47 -8.58 22.65
CA GLU B 224 13.29 -9.60 22.00
C GLU B 224 12.84 -9.92 20.56
N GLU B 225 11.54 -9.88 20.32
CA GLU B 225 11.03 -10.05 18.95
C GLU B 225 11.52 -8.93 18.02
N VAL B 226 11.69 -7.71 18.55
CA VAL B 226 12.27 -6.63 17.76
C VAL B 226 13.77 -6.94 17.54
N GLY B 227 14.46 -7.31 18.61
CA GLY B 227 15.88 -7.62 18.51
C GLY B 227 16.17 -8.71 17.50
N ASN B 228 15.34 -9.74 17.48
CA ASN B 228 15.57 -10.90 16.62
C ASN B 228 15.38 -10.51 15.16
N LEU B 229 14.40 -9.64 14.90
CA LEU B 229 14.18 -9.14 13.55
C LEU B 229 15.34 -8.27 13.07
N GLY B 230 15.88 -7.45 13.95
CA GLY B 230 17.03 -6.61 13.61
C GLY B 230 18.27 -7.46 13.31
N LEU B 231 18.52 -8.43 14.18
CA LEU B 231 19.56 -9.43 13.93
C LEU B 231 19.40 -10.04 12.55
N PHE B 232 18.22 -10.61 12.27
CA PHE B 232 17.97 -11.26 10.98
C PHE B 232 18.29 -10.33 9.82
N LEU B 233 17.73 -9.11 9.84
CA LEU B 233 17.91 -8.18 8.73
C LEU B 233 19.37 -7.78 8.51
N LEU B 234 20.11 -7.67 9.61
CA LEU B 234 21.51 -7.28 9.53
C LEU B 234 22.40 -8.45 9.09
N SER B 235 21.96 -9.67 9.43
CA SER B 235 22.71 -10.88 9.10
C SER B 235 22.74 -11.21 7.60
N PRO B 236 23.71 -12.05 7.20
CA PRO B 236 23.70 -12.66 5.86
C PRO B 236 22.44 -13.46 5.50
N LEU B 237 21.65 -13.88 6.48
CA LEU B 237 20.42 -14.61 6.19
C LEU B 237 19.44 -13.77 5.39
N ALA B 238 19.57 -12.44 5.51
CA ALA B 238 18.70 -11.46 4.87
C ALA B 238 19.37 -10.77 3.67
N SER B 239 20.38 -11.41 3.10
CA SER B 239 21.21 -10.80 2.05
C SER B 239 20.42 -10.34 0.82
N GLY B 240 19.24 -10.92 0.57
CA GLY B 240 18.41 -10.51 -0.58
C GLY B 240 17.36 -9.40 -0.29
N ILE B 241 17.37 -8.89 0.94
CA ILE B 241 16.30 -8.01 1.41
C ILE B 241 16.81 -6.60 1.63
N THR B 242 16.28 -5.67 0.85
CA THR B 242 16.61 -4.26 1.05
C THR B 242 15.48 -3.35 0.67
N GLY B 243 15.47 -2.16 1.26
CA GLY B 243 14.44 -1.16 1.01
C GLY B 243 13.08 -1.45 1.66
N GLU B 244 13.04 -2.38 2.60
CA GLU B 244 11.80 -2.94 3.12
C GLU B 244 11.43 -2.34 4.47
N VAL B 245 10.14 -2.27 4.72
CA VAL B 245 9.57 -1.98 6.04
C VAL B 245 8.94 -3.30 6.48
N VAL B 246 9.54 -3.96 7.46
CA VAL B 246 9.05 -5.28 7.92
C VAL B 246 8.36 -5.10 9.26
N TYR B 247 7.11 -5.55 9.32
CA TYR B 247 6.32 -5.42 10.53
C TYR B 247 6.55 -6.55 11.55
N VAL B 248 6.86 -6.15 12.78
CA VAL B 248 6.85 -7.05 13.92
C VAL B 248 5.84 -6.47 14.91
N ASP B 249 4.59 -6.86 14.74
CA ASP B 249 3.45 -6.27 15.48
C ASP B 249 2.33 -7.26 15.85
N ALA B 250 2.67 -8.55 15.91
CA ALA B 250 1.68 -9.58 16.20
C ALA B 250 0.54 -9.63 15.15
N GLY B 251 0.74 -8.98 14.00
CA GLY B 251 -0.25 -8.94 12.92
C GLY B 251 -1.22 -7.78 13.00
N TYR B 252 -1.02 -6.88 13.96
CA TYR B 252 -2.01 -5.82 14.22
C TYR B 252 -2.39 -5.03 12.97
N HIS B 253 -1.40 -4.61 12.21
CA HIS B 253 -1.61 -3.64 11.15
C HIS B 253 -2.41 -4.21 9.97
N ILE B 254 -2.57 -5.53 9.89
CA ILE B 254 -3.38 -6.13 8.81
C ILE B 254 -4.88 -6.15 9.17
N MET B 255 -5.21 -5.80 10.40
CA MET B 255 -6.60 -5.89 10.86
C MET B 255 -7.41 -4.67 10.47
N GLY B 256 -8.63 -4.92 10.01
CA GLY B 256 -9.59 -3.86 9.79
C GLY B 256 -10.36 -3.66 11.07
N MET B 257 -11.66 -3.96 10.98
CA MET B 257 -12.64 -3.68 12.03
C MET B 257 -12.98 -4.99 12.72
N GLU B 258 -13.27 -4.96 14.02
CA GLU B 258 -13.75 -6.16 14.74
C GLU B 258 -14.93 -5.85 15.65
N MET C 1 28.05 -16.37 18.79
CA MET C 1 27.18 -17.07 17.77
C MET C 1 25.78 -17.21 18.31
N LEU C 2 24.79 -17.08 17.44
CA LEU C 2 23.42 -17.51 17.73
C LEU C 2 23.21 -18.82 16.96
N THR C 3 22.46 -19.72 17.58
CA THR C 3 22.05 -20.96 16.98
C THR C 3 20.52 -21.02 16.82
N VAL C 4 20.08 -21.36 15.59
CA VAL C 4 18.68 -21.66 15.28
C VAL C 4 18.53 -23.18 15.34
N ASP C 5 17.96 -23.69 16.42
CA ASP C 5 17.89 -25.14 16.61
C ASP C 5 16.46 -25.63 16.55
N LEU C 6 16.13 -26.36 15.50
CA LEU C 6 14.77 -26.81 15.28
C LEU C 6 14.65 -28.31 15.50
N SER C 7 15.56 -28.87 16.29
CA SER C 7 15.50 -30.30 16.67
C SER C 7 14.16 -30.58 17.29
N GLY C 8 13.52 -31.66 16.87
CA GLY C 8 12.21 -32.03 17.41
C GLY C 8 11.02 -31.38 16.73
N LYS C 9 11.27 -30.40 15.83
CA LYS C 9 10.21 -29.73 15.06
C LYS C 9 9.97 -30.51 13.79
N LYS C 10 8.73 -30.45 13.31
CA LYS C 10 8.29 -31.27 12.19
C LYS C 10 7.69 -30.34 11.12
N ALA C 11 8.07 -30.55 9.86
CA ALA C 11 7.69 -29.66 8.75
C ALA C 11 7.14 -30.46 7.61
N LEU C 12 6.18 -29.90 6.89
CA LEU C 12 5.70 -30.45 5.66
C LEU C 12 5.88 -29.36 4.60
N VAL C 13 6.62 -29.69 3.54
CA VAL C 13 6.85 -28.79 2.45
C VAL C 13 6.14 -29.33 1.22
N MET C 14 5.14 -28.59 0.78
CA MET C 14 4.31 -28.96 -0.36
C MET C 14 4.71 -28.18 -1.63
N GLY C 15 5.00 -28.92 -2.70
CA GLY C 15 5.30 -28.30 -3.99
C GLY C 15 6.77 -28.38 -4.40
N VAL C 16 7.35 -29.56 -4.30
CA VAL C 16 8.73 -29.75 -4.78
C VAL C 16 8.67 -30.49 -6.10
N THR C 17 9.49 -30.02 -7.03
CA THR C 17 9.62 -30.63 -8.34
C THR C 17 11.08 -31.05 -8.55
N ASN C 18 12.02 -30.12 -8.37
CA ASN C 18 13.44 -30.43 -8.51
C ASN C 18 14.27 -29.62 -7.55
N GLN C 19 15.59 -29.67 -7.74
CA GLN C 19 16.54 -29.02 -6.84
C GLN C 19 16.48 -27.50 -6.84
N ARG C 20 15.87 -26.95 -7.89
CA ARG C 20 15.69 -25.50 -8.01
C ARG C 20 14.43 -24.94 -7.36
N SER C 21 13.56 -25.83 -6.90
CA SER C 21 12.26 -25.44 -6.38
C SER C 21 12.44 -24.60 -5.14
N LEU C 22 11.66 -23.52 -5.03
CA LEU C 22 11.76 -22.66 -3.85
C LEU C 22 11.37 -23.38 -2.59
N GLY C 23 10.35 -24.25 -2.69
CA GLY C 23 9.96 -25.10 -1.57
C GLY C 23 11.13 -25.98 -1.13
N PHE C 24 11.89 -26.51 -2.09
CA PHE C 24 13.06 -27.31 -1.76
C PHE C 24 14.13 -26.51 -1.00
N ALA C 25 14.34 -25.26 -1.42
CA ALA C 25 15.32 -24.41 -0.74
C ALA C 25 14.96 -24.24 0.72
N ILE C 26 13.67 -24.06 0.98
CA ILE C 26 13.20 -23.83 2.35
C ILE C 26 13.28 -25.16 3.12
N ALA C 27 12.92 -26.26 2.46
CA ALA C 27 13.09 -27.61 3.06
C ALA C 27 14.54 -27.87 3.50
N ALA C 28 15.48 -27.60 2.61
CA ALA C 28 16.92 -27.79 2.91
C ALA C 28 17.36 -26.99 4.14
N LYS C 29 16.89 -25.75 4.25
CA LYS C 29 17.25 -24.91 5.40
C LYS C 29 16.61 -25.39 6.69
N LEU C 30 15.35 -25.82 6.63
CA LEU C 30 14.69 -26.42 7.79
C LEU C 30 15.42 -27.70 8.21
N LYS C 31 15.81 -28.51 7.25
CA LYS C 31 16.61 -29.70 7.58
C LYS C 31 17.97 -29.29 8.25
N GLU C 32 18.66 -28.31 7.66
CA GLU C 32 19.93 -27.80 8.18
C GLU C 32 19.76 -27.37 9.65
N ALA C 33 18.66 -26.66 9.94
CA ALA C 33 18.36 -26.22 11.31
C ALA C 33 17.97 -27.39 12.23
N GLY C 34 17.76 -28.58 11.65
CA GLY C 34 17.52 -29.77 12.45
C GLY C 34 16.08 -30.27 12.50
N ALA C 35 15.18 -29.62 11.77
CA ALA C 35 13.80 -30.08 11.69
C ALA C 35 13.70 -31.40 10.93
N GLU C 36 12.66 -32.18 11.23
CA GLU C 36 12.31 -33.31 10.39
C GLU C 36 11.39 -32.79 9.31
N VAL C 37 11.69 -33.09 8.05
CA VAL C 37 10.96 -32.53 6.91
C VAL C 37 10.34 -33.65 6.08
N ALA C 38 9.03 -33.55 5.85
CA ALA C 38 8.32 -34.34 4.84
C ALA C 38 8.09 -33.47 3.59
N LEU C 39 8.07 -34.09 2.43
CA LEU C 39 7.81 -33.41 1.18
C LEU C 39 6.55 -33.92 0.51
N SER C 40 5.81 -33.04 -0.16
CA SER C 40 4.78 -33.51 -1.06
C SER C 40 4.98 -33.03 -2.50
N TYR C 41 4.66 -33.93 -3.43
CA TYR C 41 4.81 -33.67 -4.85
C TYR C 41 3.46 -33.96 -5.53
N GLN C 42 3.30 -33.44 -6.73
CA GLN C 42 1.98 -33.30 -7.37
C GLN C 42 1.40 -34.56 -8.04
N ALA C 43 2.25 -35.29 -8.74
CA ALA C 43 1.78 -36.36 -9.63
C ALA C 43 2.89 -37.38 -9.83
N GLU C 44 2.49 -38.61 -10.13
CA GLU C 44 3.43 -39.70 -10.39
C GLU C 44 4.61 -39.34 -11.31
N ARG C 45 4.37 -38.53 -12.36
CA ARG C 45 5.47 -38.18 -13.30
C ARG C 45 6.62 -37.42 -12.63
N LEU C 46 6.34 -36.81 -11.49
CA LEU C 46 7.33 -36.04 -10.74
C LEU C 46 8.00 -36.89 -9.65
N ARG C 47 7.53 -38.12 -9.43
CA ARG C 47 8.00 -38.92 -8.29
C ARG C 47 9.51 -39.24 -8.33
N PRO C 48 10.04 -39.70 -9.47
CA PRO C 48 11.47 -40.02 -9.52
C PRO C 48 12.39 -38.88 -9.01
N GLU C 49 12.16 -37.66 -9.46
CA GLU C 49 13.04 -36.56 -9.06
C GLU C 49 12.74 -36.17 -7.61
N ALA C 50 11.47 -36.22 -7.21
CA ALA C 50 11.07 -35.98 -5.83
C ALA C 50 11.79 -36.92 -4.89
N GLU C 51 11.93 -38.20 -5.28
CA GLU C 51 12.64 -39.16 -4.45
C GLU C 51 14.08 -38.75 -4.28
N LYS C 52 14.66 -38.21 -5.34
CA LYS C 52 16.05 -37.73 -5.26
C LYS C 52 16.17 -36.56 -4.26
N LEU C 53 15.16 -35.67 -4.25
CA LEU C 53 15.13 -34.59 -3.27
C LEU C 53 14.99 -35.14 -1.84
N ALA C 54 14.11 -36.11 -1.66
CA ALA C 54 13.92 -36.74 -0.36
C ALA C 54 15.25 -37.36 0.09
N GLU C 55 15.88 -38.13 -0.79
CA GLU C 55 17.23 -38.67 -0.53
C GLU C 55 18.25 -37.59 -0.17
N ALA C 56 18.20 -36.46 -0.87
CA ALA C 56 19.11 -35.36 -0.58
C ALA C 56 18.93 -34.85 0.84
N LEU C 57 17.75 -35.02 1.41
CA LEU C 57 17.47 -34.53 2.78
C LEU C 57 17.53 -35.63 3.85
N GLY C 58 18.41 -36.61 3.70
CA GLY C 58 18.52 -37.69 4.69
C GLY C 58 17.36 -38.66 4.66
N GLY C 59 16.69 -38.77 3.51
CA GLY C 59 15.62 -39.74 3.33
C GLY C 59 14.30 -39.28 3.92
N ALA C 60 13.88 -38.08 3.52
CA ALA C 60 12.60 -37.48 3.92
C ALA C 60 11.40 -38.32 3.50
N LEU C 61 10.34 -38.27 4.32
CA LEU C 61 9.05 -38.84 3.94
C LEU C 61 8.51 -38.11 2.72
N LEU C 62 7.89 -38.87 1.82
CA LEU C 62 7.42 -38.36 0.55
C LEU C 62 5.95 -38.76 0.38
N PHE C 63 5.09 -37.77 0.10
CA PHE C 63 3.67 -37.97 -0.13
C PHE C 63 3.28 -37.42 -1.48
N ARG C 64 2.33 -38.06 -2.16
CA ARG C 64 1.77 -37.49 -3.37
C ARG C 64 0.46 -36.77 -3.04
N ALA C 65 0.28 -35.56 -3.57
CA ALA C 65 -0.96 -34.83 -3.37
C ALA C 65 -1.11 -33.73 -4.41
N ASP C 66 -2.17 -33.86 -5.21
CA ASP C 66 -2.64 -32.82 -6.10
C ASP C 66 -3.66 -32.03 -5.30
N VAL C 67 -3.45 -30.73 -5.18
CA VAL C 67 -4.27 -29.91 -4.32
C VAL C 67 -5.69 -29.67 -4.86
N THR C 68 -5.99 -30.14 -6.08
CA THR C 68 -7.36 -30.12 -6.59
C THR C 68 -8.15 -31.35 -6.18
N GLN C 69 -7.50 -32.30 -5.51
CA GLN C 69 -8.14 -33.57 -5.19
C GLN C 69 -8.25 -33.66 -3.68
N ASP C 70 -9.44 -33.43 -3.13
CA ASP C 70 -9.60 -33.36 -1.70
C ASP C 70 -9.23 -34.66 -1.03
N GLU C 71 -9.44 -35.77 -1.73
CA GLU C 71 -9.14 -37.09 -1.16
C GLU C 71 -7.64 -37.27 -0.94
N GLU C 72 -6.85 -36.80 -1.90
CA GLU C 72 -5.39 -36.82 -1.77
C GLU C 72 -4.91 -35.90 -0.65
N LEU C 73 -5.58 -34.76 -0.44
CA LEU C 73 -5.22 -33.87 0.66
C LEU C 73 -5.54 -34.51 1.99
N ASP C 74 -6.70 -35.16 2.09
CA ASP C 74 -7.05 -35.91 3.31
C ASP C 74 -6.02 -37.01 3.61
N ALA C 75 -5.61 -37.75 2.58
CA ALA C 75 -4.66 -38.85 2.79
C ALA C 75 -3.31 -38.27 3.21
N LEU C 76 -2.93 -37.14 2.64
CA LEU C 76 -1.67 -36.44 2.98
C LEU C 76 -1.62 -36.08 4.44
N PHE C 77 -2.66 -35.44 4.96
CA PHE C 77 -2.61 -35.03 6.38
C PHE C 77 -2.81 -36.18 7.37
N ALA C 78 -3.56 -37.20 6.95
CA ALA C 78 -3.64 -38.46 7.72
C ALA C 78 -2.25 -39.11 7.85
N GLY C 79 -1.52 -39.13 6.74
CA GLY C 79 -0.18 -39.71 6.69
C GLY C 79 0.80 -38.91 7.51
N VAL C 80 0.67 -37.58 7.49
CA VAL C 80 1.52 -36.70 8.31
C VAL C 80 1.21 -36.90 9.78
N LYS C 81 -0.09 -36.99 10.10
CA LYS C 81 -0.55 -37.20 11.46
C LYS C 81 0.01 -38.53 12.03
N GLU C 82 -0.12 -39.59 11.25
CA GLU C 82 0.41 -40.90 11.63
C GLU C 82 1.91 -40.83 11.81
N ALA C 83 2.62 -40.17 10.89
CA ALA C 83 4.11 -40.15 10.96
C ALA C 83 4.68 -39.25 12.05
N PHE C 84 4.18 -38.02 12.14
CA PHE C 84 4.73 -37.01 13.04
C PHE C 84 3.94 -36.82 14.33
N GLY C 85 2.65 -37.14 14.31
CA GLY C 85 1.78 -36.90 15.48
C GLY C 85 1.18 -35.50 15.47
N GLY C 86 2.02 -34.51 15.21
CA GLY C 86 1.56 -33.16 14.93
C GLY C 86 2.48 -32.52 13.94
N LEU C 87 2.34 -31.22 13.78
CA LEU C 87 3.09 -30.49 12.77
C LEU C 87 3.46 -29.16 13.37
N ASP C 88 4.64 -28.68 13.04
CA ASP C 88 5.03 -27.35 13.42
C ASP C 88 4.95 -26.40 12.21
N TYR C 89 5.56 -26.82 11.10
CA TYR C 89 5.74 -25.93 9.98
C TYR C 89 5.13 -26.50 8.73
N LEU C 90 4.46 -25.63 7.97
CA LEU C 90 3.87 -25.96 6.69
C LEU C 90 4.35 -24.97 5.65
N VAL C 91 4.96 -25.46 4.58
CA VAL C 91 5.38 -24.60 3.48
C VAL C 91 4.52 -24.93 2.30
N HIS C 92 3.92 -23.89 1.72
CA HIS C 92 3.01 -23.99 0.59
C HIS C 92 3.70 -23.34 -0.60
N ALA C 93 4.22 -24.18 -1.52
CA ALA C 93 5.04 -23.71 -2.63
C ALA C 93 4.43 -24.21 -3.95
N ILE C 94 3.18 -23.84 -4.17
CA ILE C 94 2.37 -24.42 -5.19
C ILE C 94 1.63 -23.31 -5.92
N ALA C 95 1.75 -23.33 -7.25
CA ALA C 95 0.94 -22.50 -8.14
C ALA C 95 0.85 -23.15 -9.52
N PHE C 96 -0.20 -22.79 -10.24
CA PHE C 96 -0.36 -23.21 -11.61
C PHE C 96 -1.38 -22.29 -12.24
N ALA C 97 -1.18 -22.03 -13.53
CA ALA C 97 -2.20 -21.44 -14.38
C ALA C 97 -2.00 -22.08 -15.74
N PRO C 98 -3.10 -22.44 -16.46
CA PRO C 98 -2.94 -23.02 -17.79
C PRO C 98 -2.14 -22.16 -18.75
N ARG C 99 -1.48 -22.81 -19.69
CA ARG C 99 -0.59 -22.16 -20.62
C ARG C 99 -1.35 -21.13 -21.46
N GLU C 100 -2.57 -21.49 -21.87
CA GLU C 100 -3.45 -20.58 -22.60
C GLU C 100 -3.61 -19.25 -21.87
N ALA C 101 -3.79 -19.32 -20.55
CA ALA C 101 -4.03 -18.13 -19.73
C ALA C 101 -2.82 -17.21 -19.66
N MET C 102 -1.64 -17.82 -19.55
CA MET C 102 -0.39 -17.09 -19.36
C MET C 102 0.14 -16.47 -20.66
N GLU C 103 -0.18 -17.11 -21.78
CA GLU C 103 0.33 -16.67 -23.07
C GLU C 103 -0.57 -15.65 -23.75
N GLY C 104 -1.85 -15.61 -23.41
CA GLY C 104 -2.73 -14.58 -23.98
C GLY C 104 -2.70 -13.25 -23.23
N ARG C 105 -3.81 -12.52 -23.31
CA ARG C 105 -4.04 -11.35 -22.44
C ARG C 105 -4.86 -11.82 -21.24
N TYR C 106 -4.79 -11.07 -20.13
CA TYR C 106 -5.61 -11.37 -18.96
C TYR C 106 -7.12 -11.33 -19.28
N ILE C 107 -7.51 -10.31 -20.05
CA ILE C 107 -8.89 -10.08 -20.44
C ILE C 107 -9.49 -11.25 -21.24
N ASP C 108 -8.62 -12.05 -21.86
CA ASP C 108 -9.03 -13.20 -22.68
C ASP C 108 -9.01 -14.53 -21.95
N THR C 109 -8.73 -14.50 -20.64
CA THR C 109 -8.70 -15.72 -19.84
C THR C 109 -10.05 -16.43 -19.84
N ARG C 110 -10.03 -17.73 -20.17
CA ARG C 110 -11.25 -18.54 -20.21
C ARG C 110 -11.68 -18.83 -18.79
N ARG C 111 -13.00 -18.86 -18.59
CA ARG C 111 -13.61 -19.15 -17.31
C ARG C 111 -12.95 -20.31 -16.59
N GLN C 112 -12.80 -21.44 -17.28
CA GLN C 112 -12.30 -22.64 -16.60
C GLN C 112 -10.81 -22.52 -16.26
N ASP C 113 -10.04 -21.84 -17.12
CA ASP C 113 -8.62 -21.60 -16.88
C ASP C 113 -8.38 -20.67 -15.66
N TRP C 114 -9.25 -19.68 -15.53
CA TRP C 114 -9.15 -18.70 -14.46
C TRP C 114 -9.50 -19.34 -13.14
N LEU C 115 -10.61 -20.06 -13.10
CA LEU C 115 -10.98 -20.82 -11.92
C LEU C 115 -9.90 -21.83 -11.48
N LEU C 116 -9.29 -22.54 -12.42
CA LEU C 116 -8.23 -23.53 -12.09
C LEU C 116 -7.00 -22.82 -11.52
N ALA C 117 -6.62 -21.72 -12.12
CA ALA C 117 -5.53 -20.91 -11.61
C ALA C 117 -5.77 -20.49 -10.16
N LEU C 118 -6.99 -20.00 -9.85
CA LEU C 118 -7.31 -19.54 -8.48
C LEU C 118 -7.40 -20.72 -7.53
N GLU C 119 -7.90 -21.83 -8.03
CA GLU C 119 -8.08 -23.02 -7.21
C GLU C 119 -6.73 -23.59 -6.76
N VAL C 120 -5.82 -23.71 -7.72
CA VAL C 120 -4.53 -24.30 -7.44
C VAL C 120 -3.61 -23.35 -6.70
N SER C 121 -3.60 -22.09 -7.12
CA SER C 121 -2.63 -21.12 -6.61
C SER C 121 -3.09 -20.33 -5.36
N ALA C 122 -4.39 -20.27 -5.10
CA ALA C 122 -4.93 -19.53 -3.95
C ALA C 122 -5.77 -20.39 -3.01
N TYR C 123 -6.78 -21.06 -3.55
CA TYR C 123 -7.66 -21.87 -2.68
C TYR C 123 -6.87 -22.95 -1.96
N SER C 124 -5.87 -23.52 -2.63
CA SER C 124 -5.06 -24.59 -2.05
C SER C 124 -4.53 -24.24 -0.71
N LEU C 125 -4.21 -22.96 -0.48
CA LEU C 125 -3.67 -22.53 0.81
C LEU C 125 -4.71 -22.70 1.91
N VAL C 126 -5.94 -22.31 1.60
CA VAL C 126 -7.05 -22.52 2.55
C VAL C 126 -7.23 -24.03 2.79
N ALA C 127 -7.29 -24.79 1.70
CA ALA C 127 -7.46 -26.25 1.78
C ALA C 127 -6.42 -26.95 2.66
N VAL C 128 -5.15 -26.59 2.55
CA VAL C 128 -4.12 -27.20 3.39
C VAL C 128 -4.07 -26.60 4.80
N ALA C 129 -4.30 -25.29 4.94
CA ALA C 129 -4.34 -24.66 6.26
C ALA C 129 -5.43 -25.31 7.14
N ARG C 130 -6.61 -25.54 6.55
CA ARG C 130 -7.74 -26.16 7.28
C ARG C 130 -7.35 -27.54 7.80
N ARG C 131 -6.77 -28.35 6.92
CA ARG C 131 -6.38 -29.72 7.28
C ARG C 131 -5.19 -29.75 8.23
N ALA C 132 -4.29 -28.77 8.12
CA ALA C 132 -3.14 -28.68 9.02
C ALA C 132 -3.53 -28.16 10.41
N GLU C 133 -4.55 -27.30 10.48
CA GLU C 133 -4.93 -26.63 11.73
C GLU C 133 -4.95 -27.53 12.99
N PRO C 134 -5.69 -28.67 12.95
CA PRO C 134 -5.70 -29.54 14.15
C PRO C 134 -4.34 -30.19 14.52
N LEU C 135 -3.42 -30.30 13.55
CA LEU C 135 -2.09 -30.83 13.81
C LEU C 135 -1.11 -29.78 14.31
N LEU C 136 -1.35 -28.52 13.96
CA LEU C 136 -0.41 -27.44 14.16
C LEU C 136 -0.22 -27.14 15.64
N ARG C 137 1.05 -27.19 16.07
CA ARG C 137 1.45 -26.85 17.43
C ARG C 137 1.62 -25.35 17.64
N GLU C 138 1.50 -24.94 18.91
CA GLU C 138 1.78 -23.59 19.34
C GLU C 138 3.19 -23.28 18.90
N GLY C 139 3.41 -22.09 18.37
CA GLY C 139 4.73 -21.68 17.83
C GLY C 139 4.89 -22.04 16.35
N GLY C 140 3.91 -22.78 15.82
CA GLY C 140 3.94 -23.28 14.44
C GLY C 140 3.57 -22.21 13.44
N GLY C 141 3.60 -22.59 12.16
CA GLY C 141 3.47 -21.60 11.13
C GLY C 141 3.27 -22.16 9.76
N ILE C 142 2.67 -21.34 8.93
CA ILE C 142 2.51 -21.62 7.52
C ILE C 142 3.19 -20.47 6.77
N VAL C 143 3.94 -20.82 5.73
CA VAL C 143 4.54 -19.82 4.85
C VAL C 143 4.21 -20.21 3.40
N THR C 144 3.79 -19.21 2.64
CA THR C 144 3.51 -19.34 1.24
C THR C 144 4.42 -18.41 0.42
N LEU C 145 4.32 -18.52 -0.90
CA LEU C 145 5.14 -17.73 -1.81
C LEU C 145 4.28 -16.95 -2.78
N THR C 146 4.63 -15.69 -2.95
CA THR C 146 3.89 -14.80 -3.82
C THR C 146 4.86 -13.94 -4.66
N TYR C 147 4.28 -13.00 -5.43
CA TYR C 147 5.04 -12.20 -6.35
C TYR C 147 4.38 -10.81 -6.48
N TYR C 148 5.21 -9.80 -6.68
CA TYR C 148 4.76 -8.39 -6.56
C TYR C 148 3.71 -7.94 -7.58
N ALA C 149 3.56 -8.73 -8.64
CA ALA C 149 2.51 -8.55 -9.60
C ALA C 149 1.09 -8.59 -8.98
N SER C 150 0.95 -9.09 -7.76
CA SER C 150 -0.35 -8.96 -7.06
C SER C 150 -0.75 -7.48 -6.94
N GLU C 151 0.24 -6.58 -6.77
CA GLU C 151 0.02 -5.14 -6.55
C GLU C 151 0.29 -4.29 -7.78
N LYS C 152 1.21 -4.74 -8.64
CA LYS C 152 1.64 -3.97 -9.79
C LYS C 152 1.50 -4.80 -11.04
N VAL C 153 1.17 -4.16 -12.15
CA VAL C 153 0.89 -4.95 -13.36
C VAL C 153 2.22 -5.38 -14.00
N VAL C 154 2.40 -6.70 -14.10
CA VAL C 154 3.55 -7.29 -14.79
C VAL C 154 2.95 -8.04 -15.98
N PRO C 155 3.13 -7.47 -17.18
CA PRO C 155 2.63 -8.08 -18.42
C PRO C 155 2.97 -9.55 -18.48
N LYS C 156 2.00 -10.35 -18.95
CA LYS C 156 2.16 -11.81 -19.14
C LYS C 156 2.14 -12.66 -17.87
N TYR C 157 2.20 -12.07 -16.68
CA TYR C 157 1.95 -12.82 -15.44
C TYR C 157 0.43 -13.05 -15.30
N ASN C 158 -0.36 -12.14 -15.85
CA ASN C 158 -1.79 -12.33 -16.13
C ASN C 158 -2.57 -12.89 -14.93
N VAL C 159 -3.34 -13.96 -15.11
CA VAL C 159 -4.18 -14.49 -14.03
C VAL C 159 -3.39 -14.84 -12.75
N MET C 160 -2.09 -15.08 -12.88
CA MET C 160 -1.31 -15.45 -11.71
C MET C 160 -1.16 -14.25 -10.78
N ALA C 161 -1.14 -13.03 -11.32
CA ALA C 161 -1.13 -11.84 -10.47
C ALA C 161 -2.37 -11.78 -9.61
N ILE C 162 -3.50 -12.09 -10.22
CA ILE C 162 -4.80 -12.07 -9.55
C ILE C 162 -4.87 -13.17 -8.50
N ALA C 163 -4.37 -14.37 -8.85
CA ALA C 163 -4.29 -15.48 -7.88
C ALA C 163 -3.42 -15.11 -6.66
N LYS C 164 -2.32 -14.38 -6.90
CA LYS C 164 -1.45 -13.93 -5.82
C LYS C 164 -2.06 -12.85 -4.94
N ALA C 165 -2.84 -11.96 -5.52
CA ALA C 165 -3.65 -11.02 -4.74
C ALA C 165 -4.60 -11.81 -3.81
N ALA C 166 -5.28 -12.81 -4.37
CA ALA C 166 -6.15 -13.70 -3.59
C ALA C 166 -5.38 -14.44 -2.48
N LEU C 167 -4.18 -14.92 -2.84
CA LEU C 167 -3.30 -15.57 -1.89
C LEU C 167 -2.88 -14.68 -0.72
N GLU C 168 -2.45 -13.45 -1.01
CA GLU C 168 -2.01 -12.54 0.04
C GLU C 168 -3.15 -12.16 1.00
N ALA C 169 -4.33 -11.90 0.44
CA ALA C 169 -5.55 -11.65 1.25
C ALA C 169 -5.84 -12.90 2.10
N SER C 170 -5.66 -14.08 1.53
CA SER C 170 -5.87 -15.35 2.25
C SER C 170 -4.91 -15.45 3.43
N VAL C 171 -3.66 -15.06 3.22
CA VAL C 171 -2.67 -15.04 4.30
C VAL C 171 -3.10 -14.14 5.46
N ARG C 172 -3.69 -12.98 5.16
CA ARG C 172 -4.12 -12.11 6.24
C ARG C 172 -5.24 -12.74 7.06
N TYR C 173 -6.20 -13.32 6.37
CA TYR C 173 -7.36 -13.92 7.05
C TYR C 173 -6.97 -15.15 7.86
N LEU C 174 -6.11 -15.99 7.30
CA LEU C 174 -5.64 -17.19 7.98
C LEU C 174 -4.79 -16.84 9.21
N ALA C 175 -3.99 -15.76 9.11
CA ALA C 175 -3.20 -15.27 10.23
C ALA C 175 -4.14 -14.88 11.38
N TYR C 176 -5.18 -14.15 11.03
CA TYR C 176 -6.20 -13.76 12.00
C TYR C 176 -6.80 -15.02 12.64
N GLU C 177 -7.15 -16.00 11.83
CA GLU C 177 -7.87 -17.17 12.36
C GLU C 177 -6.99 -18.18 13.08
N LEU C 178 -5.72 -18.27 12.72
CA LEU C 178 -4.85 -19.26 13.39
C LEU C 178 -4.05 -18.67 14.55
N GLY C 179 -4.09 -17.35 14.67
CA GLY C 179 -3.33 -16.63 15.67
C GLY C 179 -3.60 -16.95 17.13
N PRO C 180 -4.88 -17.15 17.50
CA PRO C 180 -5.30 -17.53 18.87
C PRO C 180 -4.61 -18.78 19.36
N LYS C 181 -4.31 -19.64 18.41
CA LYS C 181 -3.64 -20.91 18.59
C LYS C 181 -2.11 -20.77 18.59
N GLY C 182 -1.60 -19.55 18.46
CA GLY C 182 -0.15 -19.32 18.44
C GLY C 182 0.50 -19.83 17.17
N VAL C 183 -0.27 -19.87 16.08
CA VAL C 183 0.24 -20.26 14.77
C VAL C 183 0.30 -19.01 13.88
N ARG C 184 1.42 -18.81 13.20
CA ARG C 184 1.61 -17.62 12.38
C ARG C 184 1.44 -18.03 10.92
N VAL C 185 1.01 -17.09 10.09
CA VAL C 185 0.89 -17.31 8.66
C VAL C 185 1.54 -16.08 7.97
N ASN C 186 2.45 -16.31 7.03
CA ASN C 186 3.10 -15.24 6.30
C ASN C 186 3.32 -15.63 4.85
N ALA C 187 3.59 -14.64 4.00
CA ALA C 187 4.01 -14.86 2.60
C ALA C 187 5.38 -14.29 2.32
N ILE C 188 6.14 -14.98 1.48
CA ILE C 188 7.43 -14.49 1.00
C ILE C 188 7.19 -14.01 -0.42
N SER C 189 7.38 -12.72 -0.70
CA SER C 189 7.28 -12.25 -2.09
C SER C 189 8.70 -12.32 -2.65
N ALA C 190 8.97 -13.39 -3.39
CA ALA C 190 10.30 -13.60 -3.97
C ALA C 190 10.41 -12.83 -5.28
N GLY C 191 11.59 -12.29 -5.55
CA GLY C 191 11.89 -11.82 -6.88
C GLY C 191 12.10 -13.00 -7.82
N PRO C 192 12.31 -12.73 -9.11
CA PRO C 192 12.52 -13.82 -10.05
C PRO C 192 13.67 -14.76 -9.69
N VAL C 193 13.36 -16.06 -9.71
CA VAL C 193 14.32 -17.15 -9.59
C VAL C 193 14.11 -18.15 -10.72
N ARG C 194 15.20 -18.67 -11.28
CA ARG C 194 15.12 -19.55 -12.46
C ARG C 194 14.79 -21.00 -12.09
N THR C 195 13.51 -21.23 -11.84
CA THR C 195 12.96 -22.51 -11.46
C THR C 195 12.24 -23.07 -12.67
N VAL C 196 11.77 -24.32 -12.58
CA VAL C 196 11.05 -24.91 -13.71
C VAL C 196 9.79 -24.12 -14.02
N ALA C 197 9.15 -23.56 -12.99
CA ALA C 197 7.94 -22.77 -13.17
C ALA C 197 8.20 -21.48 -13.97
N ALA C 198 9.37 -20.88 -13.82
CA ALA C 198 9.78 -19.71 -14.60
C ALA C 198 9.51 -19.81 -16.12
N ARG C 199 9.67 -21.01 -16.67
CA ARG C 199 9.37 -21.28 -18.08
C ARG C 199 7.90 -21.05 -18.46
N SER C 200 7.03 -21.00 -17.44
CA SER C 200 5.60 -20.78 -17.68
C SER C 200 5.23 -19.31 -17.82
N ILE C 201 6.17 -18.41 -17.61
CA ILE C 201 5.95 -16.97 -17.77
C ILE C 201 6.66 -16.55 -19.06
N PRO C 202 5.90 -16.17 -20.10
CA PRO C 202 6.47 -15.67 -21.35
C PRO C 202 7.37 -14.48 -21.10
N GLY C 203 8.56 -14.49 -21.69
CA GLY C 203 9.50 -13.38 -21.55
C GLY C 203 10.24 -13.35 -20.22
N PHE C 204 10.20 -14.46 -19.47
CA PHE C 204 10.79 -14.48 -18.14
C PHE C 204 12.25 -14.05 -18.15
N THR C 205 12.99 -14.46 -19.18
CA THR C 205 14.40 -14.12 -19.28
C THR C 205 14.57 -12.61 -19.41
N LYS C 206 13.72 -11.95 -20.21
CA LYS C 206 13.69 -10.48 -20.24
C LYS C 206 13.47 -9.88 -18.83
N MET C 207 12.46 -10.39 -18.12
CA MET C 207 12.15 -9.94 -16.74
C MET C 207 13.34 -10.10 -15.77
N TYR C 208 14.02 -11.24 -15.88
CA TYR C 208 15.15 -11.59 -15.02
C TYR C 208 16.31 -10.57 -15.19
N ASP C 209 16.66 -10.30 -16.44
CA ASP C 209 17.76 -9.39 -16.77
C ASP C 209 17.42 -7.93 -16.41
N ARG C 210 16.16 -7.55 -16.53
CA ARG C 210 15.70 -6.23 -16.13
C ARG C 210 15.91 -5.96 -14.65
N VAL C 211 15.61 -6.98 -13.84
CA VAL C 211 15.77 -6.89 -12.40
C VAL C 211 17.24 -6.63 -12.05
N ALA C 212 18.15 -7.42 -12.62
CA ALA C 212 19.59 -7.24 -12.40
C ALA C 212 20.05 -5.79 -12.68
N GLN C 213 19.47 -5.18 -13.70
CA GLN C 213 19.85 -3.82 -14.14
C GLN C 213 19.36 -2.72 -13.22
N THR C 214 18.21 -2.92 -12.58
CA THR C 214 17.50 -1.83 -11.91
C THR C 214 17.24 -2.05 -10.39
N ALA C 215 17.39 -3.27 -9.86
CA ALA C 215 17.26 -3.49 -8.41
C ALA C 215 18.33 -2.72 -7.67
N PRO C 216 18.02 -2.20 -6.49
CA PRO C 216 19.01 -1.53 -5.67
C PRO C 216 20.36 -2.27 -5.57
N LEU C 217 20.32 -3.60 -5.42
CA LEU C 217 21.53 -4.42 -5.23
C LEU C 217 22.21 -4.81 -6.53
N ARG C 218 21.61 -4.41 -7.65
CA ARG C 218 22.11 -4.62 -9.01
C ARG C 218 22.39 -6.10 -9.28
N ARG C 219 21.49 -6.95 -8.80
CA ARG C 219 21.51 -8.37 -9.09
C ARG C 219 20.13 -8.96 -8.79
N ASN C 220 19.90 -10.14 -9.31
CA ASN C 220 18.80 -10.98 -8.83
C ASN C 220 19.09 -11.58 -7.47
N ILE C 221 18.02 -11.96 -6.76
CA ILE C 221 18.16 -12.75 -5.57
C ILE C 221 18.56 -14.20 -5.95
N THR C 222 18.81 -15.01 -4.94
CA THR C 222 19.05 -16.42 -5.14
C THR C 222 17.97 -17.30 -4.50
N GLN C 223 17.89 -18.53 -4.99
CA GLN C 223 17.01 -19.55 -4.38
C GLN C 223 17.32 -19.70 -2.89
N GLU C 224 18.59 -19.65 -2.54
CA GLU C 224 18.97 -19.79 -1.13
C GLU C 224 18.45 -18.64 -0.27
N GLU C 225 18.45 -17.41 -0.83
CA GLU C 225 17.92 -16.22 -0.10
C GLU C 225 16.45 -16.40 0.24
N VAL C 226 15.70 -17.02 -0.66
CA VAL C 226 14.32 -17.44 -0.37
C VAL C 226 14.31 -18.47 0.74
N GLY C 227 15.19 -19.47 0.65
CA GLY C 227 15.23 -20.53 1.67
C GLY C 227 15.51 -19.96 3.04
N ASN C 228 16.41 -18.98 3.13
CA ASN C 228 16.74 -18.37 4.41
C ASN C 228 15.58 -17.57 5.01
N LEU C 229 14.80 -16.91 4.17
CA LEU C 229 13.68 -16.11 4.66
C LEU C 229 12.57 -17.04 5.17
N GLY C 230 12.33 -18.11 4.44
CA GLY C 230 11.41 -19.18 4.89
C GLY C 230 11.80 -19.72 6.25
N LEU C 231 13.07 -20.06 6.40
CA LEU C 231 13.58 -20.54 7.68
C LEU C 231 13.33 -19.52 8.77
N PHE C 232 13.66 -18.25 8.51
CA PHE C 232 13.51 -17.23 9.53
C PHE C 232 12.06 -17.11 9.99
N LEU C 233 11.15 -17.03 9.03
CA LEU C 233 9.73 -16.79 9.32
C LEU C 233 9.11 -17.95 10.09
N LEU C 234 9.52 -19.17 9.77
CA LEU C 234 9.06 -20.36 10.49
C LEU C 234 9.71 -20.50 11.85
N SER C 235 10.95 -20.05 11.99
CA SER C 235 11.66 -20.11 13.28
C SER C 235 11.06 -19.22 14.38
N PRO C 236 11.34 -19.55 15.68
CA PRO C 236 10.93 -18.67 16.77
C PRO C 236 11.57 -17.26 16.76
N LEU C 237 12.63 -17.05 15.99
CA LEU C 237 13.16 -15.72 15.79
C LEU C 237 12.14 -14.75 15.21
N ALA C 238 11.15 -15.27 14.48
CA ALA C 238 10.08 -14.47 13.89
C ALA C 238 8.75 -14.53 14.66
N SER C 239 8.78 -14.84 15.96
CA SER C 239 7.57 -15.11 16.75
C SER C 239 6.59 -13.94 16.82
N GLY C 240 7.10 -12.73 16.58
CA GLY C 240 6.25 -11.54 16.58
C GLY C 240 5.65 -11.19 15.23
N ILE C 241 5.89 -12.03 14.21
CA ILE C 241 5.58 -11.68 12.80
C ILE C 241 4.51 -12.59 12.22
N THR C 242 3.36 -12.01 11.88
CA THR C 242 2.30 -12.77 11.26
C THR C 242 1.44 -11.89 10.37
N GLY C 243 0.83 -12.53 9.36
CA GLY C 243 0.04 -11.86 8.35
C GLY C 243 0.80 -10.98 7.39
N GLU C 244 2.12 -11.15 7.32
CA GLU C 244 3.00 -10.27 6.54
C GLU C 244 3.33 -10.85 5.19
N VAL C 245 3.58 -9.95 4.24
CA VAL C 245 4.19 -10.31 2.98
C VAL C 245 5.57 -9.67 3.03
N VAL C 246 6.60 -10.49 3.13
CA VAL C 246 7.97 -10.02 3.22
C VAL C 246 8.66 -10.25 1.88
N TYR C 247 9.24 -9.17 1.37
CA TYR C 247 9.83 -9.13 0.02
C TYR C 247 11.28 -9.52 0.09
N VAL C 248 11.69 -10.51 -0.69
CA VAL C 248 13.10 -10.83 -0.87
C VAL C 248 13.34 -10.73 -2.37
N ASP C 249 13.77 -9.56 -2.78
CA ASP C 249 13.80 -9.24 -4.19
C ASP C 249 14.88 -8.25 -4.55
N ALA C 250 15.90 -8.13 -3.70
CA ALA C 250 17.05 -7.30 -3.98
C ALA C 250 16.60 -5.84 -4.06
N GLY C 251 15.43 -5.55 -3.48
CA GLY C 251 14.86 -4.21 -3.46
C GLY C 251 14.11 -3.77 -4.69
N TYR C 252 13.94 -4.67 -5.64
CA TYR C 252 13.36 -4.31 -6.94
C TYR C 252 12.04 -3.57 -6.87
N HIS C 253 11.09 -4.15 -6.14
CA HIS C 253 9.74 -3.59 -6.00
C HIS C 253 9.65 -2.19 -5.34
N ILE C 254 10.74 -1.65 -4.78
CA ILE C 254 10.72 -0.27 -4.24
C ILE C 254 11.00 0.77 -5.32
N MET C 255 11.49 0.34 -6.49
CA MET C 255 11.84 1.26 -7.55
C MET C 255 10.60 1.69 -8.30
N GLY C 256 10.52 2.97 -8.60
CA GLY C 256 9.30 3.54 -9.16
C GLY C 256 9.40 3.80 -10.64
N MET C 257 10.62 3.76 -11.16
CA MET C 257 10.88 4.19 -12.52
C MET C 257 12.30 3.82 -12.90
N GLU C 258 12.43 3.40 -14.17
CA GLU C 258 13.69 3.33 -14.93
C GLU C 258 14.31 1.95 -14.89
N MET D 1 -20.70 28.14 -13.97
CA MET D 1 -21.18 26.72 -13.95
C MET D 1 -20.44 25.87 -15.00
N LEU D 2 -20.24 24.62 -14.66
CA LEU D 2 -19.49 23.70 -15.47
C LEU D 2 -20.45 22.56 -15.62
N THR D 3 -20.53 22.00 -16.82
CA THR D 3 -21.52 20.99 -17.12
C THR D 3 -20.85 19.67 -17.54
N VAL D 4 -21.52 18.57 -17.21
CA VAL D 4 -21.19 17.24 -17.68
C VAL D 4 -22.40 16.78 -18.48
N ASP D 5 -22.26 16.81 -19.82
CA ASP D 5 -23.33 16.36 -20.73
C ASP D 5 -22.92 15.04 -21.39
N LEU D 6 -23.54 13.96 -20.97
CA LEU D 6 -23.27 12.66 -21.55
C LEU D 6 -24.33 12.31 -22.58
N SER D 7 -25.06 13.31 -23.09
CA SER D 7 -25.92 13.09 -24.27
C SER D 7 -25.14 12.44 -25.39
N GLY D 8 -25.75 11.43 -26.01
CA GLY D 8 -25.11 10.64 -27.06
C GLY D 8 -24.42 9.37 -26.57
N LYS D 9 -24.18 9.28 -25.26
CA LYS D 9 -23.40 8.17 -24.70
C LYS D 9 -24.31 7.05 -24.23
N LYS D 10 -23.76 5.84 -24.23
CA LYS D 10 -24.51 4.63 -23.93
C LYS D 10 -23.86 3.85 -22.76
N ALA D 11 -24.70 3.42 -21.81
CA ALA D 11 -24.25 2.77 -20.56
C ALA D 11 -24.99 1.47 -20.32
N LEU D 12 -24.25 0.44 -19.89
CA LEU D 12 -24.83 -0.79 -19.40
C LEU D 12 -24.46 -0.85 -17.92
N VAL D 13 -25.46 -0.97 -17.05
CA VAL D 13 -25.24 -1.13 -15.64
C VAL D 13 -25.69 -2.52 -15.20
N MET D 14 -24.73 -3.36 -14.77
CA MET D 14 -25.00 -4.75 -14.36
C MET D 14 -25.01 -4.95 -12.85
N GLY D 15 -26.11 -5.52 -12.34
CA GLY D 15 -26.27 -5.79 -10.90
C GLY D 15 -27.19 -4.83 -10.16
N VAL D 16 -28.38 -4.60 -10.69
CA VAL D 16 -29.35 -3.81 -9.97
C VAL D 16 -30.36 -4.81 -9.44
N THR D 17 -30.75 -4.65 -8.17
CA THR D 17 -31.92 -5.35 -7.64
C THR D 17 -32.97 -4.41 -7.07
N ASN D 18 -32.56 -3.18 -6.73
CA ASN D 18 -33.23 -2.35 -5.75
C ASN D 18 -33.03 -0.87 -6.05
N GLN D 19 -33.89 0.00 -5.57
CA GLN D 19 -33.58 1.44 -5.69
C GLN D 19 -32.43 1.85 -4.74
N ARG D 20 -32.02 0.95 -3.84
CA ARG D 20 -30.88 1.21 -2.98
C ARG D 20 -29.58 0.56 -3.47
N SER D 21 -29.65 -0.16 -4.58
CA SER D 21 -28.49 -0.78 -5.18
C SER D 21 -27.48 0.29 -5.58
N LEU D 22 -26.20 0.03 -5.30
CA LEU D 22 -25.13 0.96 -5.67
C LEU D 22 -25.04 1.11 -7.18
N GLY D 23 -25.26 0.00 -7.89
CA GLY D 23 -25.38 0.02 -9.34
C GLY D 23 -26.49 0.96 -9.81
N PHE D 24 -27.64 0.91 -9.14
CA PHE D 24 -28.72 1.82 -9.46
C PHE D 24 -28.38 3.29 -9.23
N ALA D 25 -27.71 3.59 -8.12
CA ALA D 25 -27.28 4.98 -7.85
C ALA D 25 -26.39 5.50 -8.97
N ILE D 26 -25.49 4.66 -9.46
CA ILE D 26 -24.63 5.08 -10.57
C ILE D 26 -25.42 5.29 -11.86
N ALA D 27 -26.35 4.38 -12.13
CA ALA D 27 -27.23 4.48 -13.33
C ALA D 27 -28.05 5.78 -13.30
N ALA D 28 -28.56 6.12 -12.12
CA ALA D 28 -29.38 7.33 -11.93
C ALA D 28 -28.59 8.59 -12.28
N LYS D 29 -27.33 8.62 -11.84
CA LYS D 29 -26.44 9.74 -12.16
C LYS D 29 -26.10 9.77 -13.61
N LEU D 30 -25.81 8.61 -14.19
CA LEU D 30 -25.52 8.53 -15.62
C LEU D 30 -26.72 9.07 -16.45
N LYS D 31 -27.92 8.61 -16.11
CA LYS D 31 -29.15 9.08 -16.77
C LYS D 31 -29.39 10.60 -16.58
N GLU D 32 -29.31 11.09 -15.33
CA GLU D 32 -29.31 12.53 -15.06
C GLU D 32 -28.38 13.31 -15.97
N ALA D 33 -27.16 12.81 -16.12
CA ALA D 33 -26.14 13.50 -16.91
C ALA D 33 -26.40 13.47 -18.41
N GLY D 34 -27.34 12.64 -18.85
CA GLY D 34 -27.77 12.60 -20.27
C GLY D 34 -27.60 11.28 -20.98
N ALA D 35 -26.98 10.30 -20.31
CA ALA D 35 -26.65 9.02 -20.94
C ALA D 35 -27.89 8.18 -21.16
N GLU D 36 -27.86 7.33 -22.19
CA GLU D 36 -28.88 6.29 -22.34
C GLU D 36 -28.39 5.12 -21.52
N VAL D 37 -29.25 4.60 -20.64
CA VAL D 37 -28.88 3.50 -19.77
C VAL D 37 -29.61 2.20 -20.10
N ALA D 38 -28.86 1.10 -20.11
CA ALA D 38 -29.39 -0.26 -20.11
C ALA D 38 -29.05 -0.91 -18.75
N LEU D 39 -29.96 -1.71 -18.21
CA LEU D 39 -29.77 -2.39 -16.92
C LEU D 39 -29.83 -3.88 -17.14
N SER D 40 -28.93 -4.63 -16.50
CA SER D 40 -29.10 -6.10 -16.43
C SER D 40 -29.35 -6.53 -15.00
N TYR D 41 -30.30 -7.45 -14.87
CA TYR D 41 -30.71 -7.98 -13.59
C TYR D 41 -30.44 -9.47 -13.68
N GLN D 42 -30.37 -10.11 -12.53
CA GLN D 42 -29.78 -11.45 -12.44
C GLN D 42 -30.69 -12.57 -12.91
N ALA D 43 -31.95 -12.49 -12.50
CA ALA D 43 -32.90 -13.59 -12.64
C ALA D 43 -34.34 -13.07 -12.82
N GLU D 44 -35.12 -13.83 -13.59
CA GLU D 44 -36.56 -13.63 -13.78
C GLU D 44 -37.29 -13.05 -12.56
N ARG D 45 -36.98 -13.55 -11.37
CA ARG D 45 -37.59 -13.06 -10.15
C ARG D 45 -37.34 -11.56 -9.86
N LEU D 46 -36.31 -10.99 -10.46
CA LEU D 46 -36.01 -9.56 -10.28
C LEU D 46 -36.63 -8.65 -11.37
N ARG D 47 -37.23 -9.26 -12.41
CA ARG D 47 -37.88 -8.49 -13.49
C ARG D 47 -38.78 -7.36 -13.01
N PRO D 48 -39.71 -7.66 -12.07
CA PRO D 48 -40.65 -6.61 -11.65
C PRO D 48 -39.98 -5.37 -11.03
N GLU D 49 -39.00 -5.60 -10.16
CA GLU D 49 -38.18 -4.49 -9.64
C GLU D 49 -37.39 -3.85 -10.77
N ALA D 50 -36.72 -4.67 -11.59
CA ALA D 50 -36.00 -4.15 -12.75
C ALA D 50 -36.86 -3.15 -13.54
N GLU D 51 -38.10 -3.57 -13.85
CA GLU D 51 -39.05 -2.73 -14.57
C GLU D 51 -39.38 -1.45 -13.81
N LYS D 52 -39.53 -1.53 -12.50
CA LYS D 52 -39.78 -0.31 -11.71
C LYS D 52 -38.54 0.60 -11.69
N LEU D 53 -37.36 0.00 -11.64
CA LEU D 53 -36.11 0.77 -11.76
C LEU D 53 -36.00 1.48 -13.11
N ALA D 54 -36.30 0.76 -14.18
CA ALA D 54 -36.35 1.34 -15.54
C ALA D 54 -37.38 2.46 -15.65
N GLU D 55 -38.52 2.31 -14.98
CA GLU D 55 -39.51 3.40 -14.81
C GLU D 55 -38.89 4.59 -14.08
N ALA D 56 -38.20 4.31 -12.97
CA ALA D 56 -37.63 5.36 -12.09
C ALA D 56 -36.59 6.21 -12.79
N LEU D 57 -35.88 5.62 -13.75
CA LEU D 57 -34.86 6.35 -14.49
C LEU D 57 -35.46 7.22 -15.59
N GLY D 58 -36.71 6.93 -15.96
CA GLY D 58 -37.38 7.64 -17.06
C GLY D 58 -37.31 6.83 -18.34
N GLY D 59 -37.13 5.52 -18.19
CA GLY D 59 -36.87 4.64 -19.31
C GLY D 59 -35.47 4.06 -19.24
N ALA D 60 -35.38 2.76 -19.49
CA ALA D 60 -34.11 2.06 -19.57
C ALA D 60 -34.37 0.71 -20.20
N LEU D 61 -33.52 0.32 -21.15
CA LEU D 61 -33.56 -1.03 -21.67
C LEU D 61 -33.25 -1.98 -20.53
N LEU D 62 -33.85 -3.17 -20.56
CA LEU D 62 -33.57 -4.21 -19.55
C LEU D 62 -33.09 -5.47 -20.23
N PHE D 63 -32.17 -6.17 -19.56
CA PHE D 63 -31.70 -7.48 -20.01
C PHE D 63 -31.55 -8.36 -18.78
N ARG D 64 -31.65 -9.66 -18.97
CA ARG D 64 -31.39 -10.61 -17.89
C ARG D 64 -30.09 -11.32 -18.17
N ALA D 65 -29.22 -11.39 -17.16
CA ALA D 65 -27.97 -12.13 -17.31
C ALA D 65 -27.41 -12.58 -15.97
N ASP D 66 -27.12 -13.88 -15.89
CA ASP D 66 -26.41 -14.46 -14.79
C ASP D 66 -24.93 -14.56 -15.25
N VAL D 67 -24.02 -14.03 -14.43
CA VAL D 67 -22.61 -13.92 -14.80
C VAL D 67 -21.87 -15.26 -14.80
N THR D 68 -22.47 -16.28 -14.23
CA THR D 68 -21.91 -17.63 -14.30
C THR D 68 -22.24 -18.28 -15.65
N GLN D 69 -23.16 -17.68 -16.41
CA GLN D 69 -23.67 -18.31 -17.65
C GLN D 69 -23.18 -17.58 -18.89
N ASP D 70 -22.19 -18.15 -19.56
CA ASP D 70 -21.54 -17.51 -20.70
C ASP D 70 -22.47 -17.19 -21.86
N GLU D 71 -23.43 -18.09 -22.11
CA GLU D 71 -24.44 -17.86 -23.15
C GLU D 71 -25.32 -16.65 -22.80
N GLU D 72 -25.72 -16.53 -21.55
CA GLU D 72 -26.51 -15.36 -21.14
C GLU D 72 -25.71 -14.07 -21.23
N LEU D 73 -24.41 -14.16 -21.00
CA LEU D 73 -23.53 -13.02 -21.17
C LEU D 73 -23.37 -12.66 -22.66
N ASP D 74 -23.20 -13.66 -23.52
CA ASP D 74 -23.11 -13.42 -24.97
C ASP D 74 -24.35 -12.73 -25.56
N ALA D 75 -25.52 -13.16 -25.09
CA ALA D 75 -26.81 -12.60 -25.46
C ALA D 75 -27.01 -11.18 -24.95
N LEU D 76 -26.51 -10.91 -23.74
CA LEU D 76 -26.55 -9.58 -23.16
C LEU D 76 -25.84 -8.61 -24.10
N PHE D 77 -24.62 -8.95 -24.48
CA PHE D 77 -23.82 -8.00 -25.24
C PHE D 77 -24.25 -7.92 -26.68
N ALA D 78 -24.74 -9.02 -27.23
CA ALA D 78 -25.39 -8.98 -28.54
C ALA D 78 -26.62 -8.07 -28.51
N GLY D 79 -27.46 -8.22 -27.49
CA GLY D 79 -28.62 -7.34 -27.26
C GLY D 79 -28.24 -5.87 -27.12
N VAL D 80 -27.22 -5.62 -26.32
CA VAL D 80 -26.71 -4.27 -26.12
C VAL D 80 -26.14 -3.70 -27.42
N LYS D 81 -25.39 -4.52 -28.16
CA LYS D 81 -24.82 -4.08 -29.44
C LYS D 81 -25.96 -3.72 -30.42
N GLU D 82 -26.98 -4.57 -30.43
CA GLU D 82 -28.13 -4.38 -31.30
C GLU D 82 -28.84 -3.04 -30.99
N ALA D 83 -29.10 -2.79 -29.72
CA ALA D 83 -29.86 -1.63 -29.28
C ALA D 83 -29.07 -0.33 -29.37
N PHE D 84 -27.79 -0.36 -29.00
CA PHE D 84 -26.96 0.84 -28.92
C PHE D 84 -25.94 0.98 -30.03
N GLY D 85 -25.52 -0.13 -30.64
CA GLY D 85 -24.46 -0.07 -31.66
C GLY D 85 -23.07 0.04 -31.06
N GLY D 86 -22.96 0.53 -29.84
CA GLY D 86 -21.65 0.60 -29.18
C GLY D 86 -21.88 0.85 -27.71
N LEU D 87 -20.80 0.89 -26.93
CA LEU D 87 -20.95 1.17 -25.52
C LEU D 87 -19.91 2.21 -25.14
N ASP D 88 -20.28 3.09 -24.21
CA ASP D 88 -19.31 4.01 -23.67
C ASP D 88 -18.94 3.60 -22.25
N TYR D 89 -19.92 3.19 -21.48
CA TYR D 89 -19.72 2.93 -20.06
C TYR D 89 -20.32 1.60 -19.62
N LEU D 90 -19.57 0.87 -18.78
CA LEU D 90 -20.02 -0.37 -18.17
C LEU D 90 -19.84 -0.29 -16.66
N VAL D 91 -20.93 -0.46 -15.93
CA VAL D 91 -20.89 -0.54 -14.49
C VAL D 91 -21.09 -2.00 -14.08
N HIS D 92 -20.12 -2.52 -13.33
CA HIS D 92 -20.13 -3.88 -12.81
C HIS D 92 -20.37 -3.76 -11.31
N ALA D 93 -21.60 -4.08 -10.88
CA ALA D 93 -22.03 -3.95 -9.49
C ALA D 93 -22.61 -5.29 -9.08
N ILE D 94 -21.77 -6.33 -9.14
CA ILE D 94 -22.20 -7.69 -8.92
C ILE D 94 -21.22 -8.39 -8.01
N ALA D 95 -21.75 -8.97 -6.94
CA ALA D 95 -20.95 -9.85 -6.10
C ALA D 95 -21.84 -10.88 -5.42
N PHE D 96 -21.23 -12.02 -5.10
CA PHE D 96 -21.91 -13.07 -4.36
C PHE D 96 -20.90 -13.98 -3.66
N ALA D 97 -21.23 -14.36 -2.43
CA ALA D 97 -20.62 -15.50 -1.75
C ALA D 97 -21.72 -16.28 -1.06
N PRO D 98 -21.64 -17.61 -1.07
CA PRO D 98 -22.60 -18.46 -0.35
C PRO D 98 -22.70 -18.09 1.13
N ARG D 99 -23.93 -18.11 1.64
CA ARG D 99 -24.19 -17.83 3.05
C ARG D 99 -23.22 -18.52 4.02
N GLU D 100 -22.92 -19.77 3.73
CA GLU D 100 -22.18 -20.62 4.63
C GLU D 100 -20.72 -20.17 4.66
N ALA D 101 -20.24 -19.64 3.53
CA ALA D 101 -18.86 -19.10 3.43
C ALA D 101 -18.73 -17.82 4.25
N MET D 102 -19.81 -17.05 4.32
CA MET D 102 -19.79 -15.78 5.03
C MET D 102 -20.00 -15.98 6.52
N GLU D 103 -20.73 -17.02 6.91
CA GLU D 103 -21.21 -17.09 8.28
C GLU D 103 -20.20 -17.64 9.29
N GLY D 104 -19.18 -18.34 8.82
CA GLY D 104 -18.17 -18.91 9.74
C GLY D 104 -16.77 -18.32 9.63
N ARG D 105 -15.80 -19.21 9.46
CA ARG D 105 -14.40 -18.81 9.31
C ARG D 105 -13.97 -18.95 7.86
N TYR D 106 -13.04 -18.08 7.45
CA TYR D 106 -12.49 -18.15 6.10
C TYR D 106 -11.84 -19.52 5.87
N ILE D 107 -11.08 -19.98 6.86
CA ILE D 107 -10.36 -21.25 6.78
C ILE D 107 -11.29 -22.45 6.50
N ASP D 108 -12.56 -22.34 6.92
CA ASP D 108 -13.54 -23.41 6.77
C ASP D 108 -14.28 -23.40 5.44
N THR D 109 -13.93 -22.46 4.56
CA THR D 109 -14.63 -22.31 3.29
C THR D 109 -14.45 -23.53 2.45
N ARG D 110 -15.57 -24.04 1.94
CA ARG D 110 -15.60 -25.22 1.09
C ARG D 110 -15.23 -24.85 -0.33
N ARG D 111 -14.59 -25.80 -1.01
CA ARG D 111 -14.00 -25.58 -2.33
C ARG D 111 -15.00 -24.95 -3.30
N GLN D 112 -16.19 -25.58 -3.39
CA GLN D 112 -17.22 -25.10 -4.33
C GLN D 112 -17.71 -23.68 -4.01
N ASP D 113 -17.85 -23.38 -2.71
CA ASP D 113 -18.29 -22.06 -2.24
C ASP D 113 -17.22 -20.99 -2.54
N TRP D 114 -15.97 -21.36 -2.33
CA TRP D 114 -14.86 -20.43 -2.57
C TRP D 114 -14.79 -20.10 -4.05
N LEU D 115 -14.84 -21.15 -4.88
CA LEU D 115 -14.79 -20.97 -6.32
C LEU D 115 -15.94 -20.12 -6.82
N LEU D 116 -17.15 -20.33 -6.32
CA LEU D 116 -18.31 -19.60 -6.84
C LEU D 116 -18.25 -18.12 -6.48
N ALA D 117 -17.85 -17.83 -5.26
CA ALA D 117 -17.61 -16.47 -4.79
C ALA D 117 -16.61 -15.74 -5.69
N LEU D 118 -15.48 -16.38 -6.00
CA LEU D 118 -14.47 -15.80 -6.89
C LEU D 118 -15.00 -15.67 -8.32
N GLU D 119 -15.78 -16.66 -8.75
CA GLU D 119 -16.34 -16.68 -10.12
C GLU D 119 -17.32 -15.53 -10.34
N VAL D 120 -18.25 -15.35 -9.41
CA VAL D 120 -19.31 -14.31 -9.53
C VAL D 120 -18.75 -12.91 -9.23
N SER D 121 -17.91 -12.81 -8.21
CA SER D 121 -17.47 -11.52 -7.71
C SER D 121 -16.19 -10.96 -8.36
N ALA D 122 -15.34 -11.80 -8.94
CA ALA D 122 -14.10 -11.35 -9.55
C ALA D 122 -14.02 -11.71 -11.03
N TYR D 123 -14.15 -13.01 -11.35
CA TYR D 123 -14.09 -13.44 -12.75
C TYR D 123 -15.09 -12.74 -13.64
N SER D 124 -16.30 -12.51 -13.14
CA SER D 124 -17.33 -11.83 -13.94
C SER D 124 -16.86 -10.48 -14.49
N LEU D 125 -15.96 -9.77 -13.80
CA LEU D 125 -15.44 -8.50 -14.37
C LEU D 125 -14.69 -8.76 -15.68
N VAL D 126 -13.86 -9.80 -15.68
CA VAL D 126 -13.14 -10.20 -16.89
C VAL D 126 -14.10 -10.66 -18.00
N ALA D 127 -15.09 -11.48 -17.65
CA ALA D 127 -16.05 -12.00 -18.61
C ALA D 127 -16.78 -10.83 -19.29
N VAL D 128 -17.25 -9.88 -18.50
CA VAL D 128 -17.98 -8.72 -19.06
C VAL D 128 -17.06 -7.73 -19.77
N ALA D 129 -15.84 -7.54 -19.24
CA ALA D 129 -14.84 -6.70 -19.91
C ALA D 129 -14.48 -7.26 -21.30
N ARG D 130 -14.31 -8.57 -21.40
CA ARG D 130 -13.97 -9.18 -22.69
C ARG D 130 -15.02 -8.90 -23.77
N ARG D 131 -16.29 -9.08 -23.38
CA ARG D 131 -17.41 -8.95 -24.28
C ARG D 131 -17.71 -7.48 -24.57
N ALA D 132 -17.36 -6.60 -23.63
CA ALA D 132 -17.59 -5.18 -23.80
C ALA D 132 -16.54 -4.57 -24.70
N GLU D 133 -15.32 -5.10 -24.65
CA GLU D 133 -14.17 -4.52 -25.37
C GLU D 133 -14.46 -4.07 -26.80
N PRO D 134 -15.04 -4.95 -27.65
CA PRO D 134 -15.18 -4.54 -29.04
C PRO D 134 -16.28 -3.49 -29.23
N LEU D 135 -17.18 -3.36 -28.25
CA LEU D 135 -18.22 -2.34 -28.31
C LEU D 135 -17.77 -0.99 -27.80
N LEU D 136 -16.72 -0.99 -26.96
CA LEU D 136 -16.37 0.18 -26.14
C LEU D 136 -15.65 1.22 -26.95
N ARG D 137 -16.18 2.43 -26.93
CA ARG D 137 -15.64 3.55 -27.70
C ARG D 137 -14.44 4.20 -26.97
N GLU D 138 -13.53 4.78 -27.74
CA GLU D 138 -12.47 5.64 -27.18
C GLU D 138 -13.12 6.64 -26.22
N GLY D 139 -12.47 6.93 -25.10
CA GLY D 139 -13.08 7.68 -24.00
C GLY D 139 -14.02 6.86 -23.09
N GLY D 140 -14.23 5.58 -23.42
CA GLY D 140 -15.10 4.73 -22.68
C GLY D 140 -14.48 4.25 -21.38
N GLY D 141 -15.28 3.58 -20.57
CA GLY D 141 -14.78 3.05 -19.31
C GLY D 141 -15.62 2.01 -18.63
N ILE D 142 -14.96 1.33 -17.71
CA ILE D 142 -15.57 0.31 -16.86
C ILE D 142 -15.31 0.71 -15.40
N VAL D 143 -16.34 0.67 -14.60
CA VAL D 143 -16.20 0.89 -13.17
C VAL D 143 -16.81 -0.28 -12.41
N THR D 144 -16.10 -0.74 -11.38
CA THR D 144 -16.58 -1.76 -10.49
C THR D 144 -16.57 -1.27 -9.05
N LEU D 145 -17.09 -2.11 -8.16
CA LEU D 145 -17.26 -1.78 -6.76
C LEU D 145 -16.56 -2.79 -5.86
N THR D 146 -15.79 -2.28 -4.90
CA THR D 146 -15.00 -3.11 -4.02
C THR D 146 -15.15 -2.59 -2.60
N TYR D 147 -14.42 -3.21 -1.69
CA TYR D 147 -14.50 -2.91 -0.26
C TYR D 147 -13.15 -3.13 0.38
N TYR D 148 -12.84 -2.36 1.43
CA TYR D 148 -11.49 -2.26 1.96
C TYR D 148 -10.94 -3.55 2.63
N ALA D 149 -11.82 -4.51 2.90
CA ALA D 149 -11.41 -5.82 3.41
C ALA D 149 -10.49 -6.57 2.44
N SER D 150 -10.42 -6.13 1.19
CA SER D 150 -9.36 -6.62 0.29
C SER D 150 -7.94 -6.46 0.89
N GLU D 151 -7.72 -5.39 1.65
CA GLU D 151 -6.41 -5.09 2.23
C GLU D 151 -6.33 -5.32 3.73
N LYS D 152 -7.46 -5.23 4.45
CA LYS D 152 -7.45 -5.36 5.91
C LYS D 152 -8.50 -6.37 6.32
N VAL D 153 -8.19 -7.21 7.30
CA VAL D 153 -9.09 -8.26 7.73
C VAL D 153 -10.34 -7.68 8.41
N VAL D 154 -11.47 -7.92 7.78
CA VAL D 154 -12.78 -7.67 8.36
C VAL D 154 -13.39 -9.05 8.57
N PRO D 155 -13.42 -9.51 9.82
CA PRO D 155 -14.02 -10.81 10.10
C PRO D 155 -15.45 -10.92 9.57
N LYS D 156 -15.83 -12.14 9.18
CA LYS D 156 -17.10 -12.45 8.57
C LYS D 156 -17.30 -11.96 7.13
N TYR D 157 -16.47 -11.04 6.62
CA TYR D 157 -16.50 -10.73 5.19
C TYR D 157 -15.80 -11.87 4.41
N ASN D 158 -14.82 -12.51 5.06
CA ASN D 158 -14.30 -13.82 4.66
C ASN D 158 -13.94 -13.88 3.18
N VAL D 159 -14.43 -14.88 2.43
CA VAL D 159 -14.04 -15.05 1.01
C VAL D 159 -14.36 -13.81 0.16
N MET D 160 -15.34 -13.01 0.56
CA MET D 160 -15.59 -11.80 -0.21
C MET D 160 -14.35 -10.88 -0.25
N ALA D 161 -13.60 -10.80 0.86
CA ALA D 161 -12.35 -10.02 0.93
C ALA D 161 -11.36 -10.45 -0.13
N ILE D 162 -11.20 -11.76 -0.24
CA ILE D 162 -10.29 -12.41 -1.17
C ILE D 162 -10.77 -12.17 -2.61
N ALA D 163 -12.08 -12.23 -2.80
CA ALA D 163 -12.65 -11.93 -4.14
C ALA D 163 -12.39 -10.48 -4.52
N LYS D 164 -12.46 -9.57 -3.54
CA LYS D 164 -12.23 -8.15 -3.81
C LYS D 164 -10.75 -7.87 -4.09
N ALA D 165 -9.84 -8.58 -3.43
CA ALA D 165 -8.40 -8.48 -3.77
C ALA D 165 -8.16 -8.92 -5.22
N ALA D 166 -8.83 -10.00 -5.62
CA ALA D 166 -8.78 -10.48 -7.02
C ALA D 166 -9.38 -9.49 -7.98
N LEU D 167 -10.48 -8.88 -7.59
CA LEU D 167 -11.18 -7.89 -8.41
C LEU D 167 -10.33 -6.64 -8.63
N GLU D 168 -9.73 -6.12 -7.56
CA GLU D 168 -8.90 -4.93 -7.66
C GLU D 168 -7.62 -5.21 -8.48
N ALA D 169 -7.03 -6.40 -8.31
CA ALA D 169 -5.89 -6.79 -9.15
C ALA D 169 -6.36 -6.88 -10.62
N SER D 170 -7.58 -7.37 -10.84
CA SER D 170 -8.17 -7.46 -12.22
C SER D 170 -8.37 -6.09 -12.83
N VAL D 171 -8.84 -5.13 -12.04
CA VAL D 171 -8.93 -3.71 -12.47
C VAL D 171 -7.59 -3.20 -12.98
N ARG D 172 -6.52 -3.40 -12.24
CA ARG D 172 -5.19 -2.95 -12.72
C ARG D 172 -4.78 -3.59 -14.08
N TYR D 173 -4.92 -4.92 -14.19
CA TYR D 173 -4.61 -5.61 -15.45
C TYR D 173 -5.53 -5.21 -16.62
N LEU D 174 -6.82 -5.05 -16.38
CA LEU D 174 -7.74 -4.66 -17.45
C LEU D 174 -7.51 -3.21 -17.85
N ALA D 175 -7.08 -2.38 -16.90
CA ALA D 175 -6.73 -1.00 -17.24
C ALA D 175 -5.51 -0.93 -18.16
N TYR D 176 -4.51 -1.73 -17.82
CA TYR D 176 -3.34 -1.89 -18.66
C TYR D 176 -3.72 -2.41 -20.06
N GLU D 177 -4.60 -3.40 -20.11
CA GLU D 177 -4.92 -4.05 -21.38
C GLU D 177 -5.88 -3.25 -22.25
N LEU D 178 -6.75 -2.46 -21.62
CA LEU D 178 -7.70 -1.63 -22.37
C LEU D 178 -7.22 -0.20 -22.59
N GLY D 179 -6.21 0.22 -21.83
CA GLY D 179 -5.66 1.57 -21.95
C GLY D 179 -5.26 2.02 -23.36
N PRO D 180 -4.62 1.13 -24.14
CA PRO D 180 -4.20 1.46 -25.51
C PRO D 180 -5.32 1.93 -26.42
N LYS D 181 -6.53 1.51 -26.13
CA LYS D 181 -7.64 1.98 -26.91
C LYS D 181 -8.38 3.21 -26.34
N GLY D 182 -7.88 3.77 -25.24
CA GLY D 182 -8.48 4.94 -24.62
C GLY D 182 -9.66 4.61 -23.74
N VAL D 183 -9.67 3.38 -23.22
CA VAL D 183 -10.73 2.89 -22.35
C VAL D 183 -10.12 2.74 -20.95
N ARG D 184 -10.85 3.23 -19.94
CA ARG D 184 -10.34 3.29 -18.56
C ARG D 184 -11.08 2.25 -17.73
N VAL D 185 -10.39 1.74 -16.71
CA VAL D 185 -10.96 0.78 -15.80
C VAL D 185 -10.60 1.20 -14.37
N ASN D 186 -11.60 1.34 -13.52
CA ASN D 186 -11.41 1.78 -12.13
C ASN D 186 -12.38 1.08 -11.18
N ALA D 187 -12.05 1.14 -9.88
CA ALA D 187 -12.88 0.57 -8.83
C ALA D 187 -13.25 1.66 -7.83
N ILE D 188 -14.49 1.60 -7.38
CA ILE D 188 -14.94 2.40 -6.25
C ILE D 188 -14.89 1.51 -5.03
N SER D 189 -14.10 1.88 -4.02
CA SER D 189 -14.19 1.22 -2.75
C SER D 189 -15.17 2.01 -1.89
N ALA D 190 -16.42 1.52 -1.83
CA ALA D 190 -17.47 2.12 -1.01
C ALA D 190 -17.35 1.72 0.45
N GLY D 191 -17.67 2.63 1.34
CA GLY D 191 -17.95 2.27 2.72
C GLY D 191 -19.35 1.69 2.80
N PRO D 192 -19.72 1.18 3.97
CA PRO D 192 -21.03 0.55 4.17
C PRO D 192 -22.22 1.44 3.77
N VAL D 193 -23.10 0.87 2.96
CA VAL D 193 -24.37 1.47 2.56
C VAL D 193 -25.42 0.36 2.69
N ARG D 194 -26.59 0.70 3.26
CA ARG D 194 -27.66 -0.30 3.50
C ARG D 194 -28.33 -0.70 2.17
N THR D 195 -27.95 -1.86 1.66
CA THR D 195 -28.49 -2.42 0.42
C THR D 195 -29.02 -3.82 0.77
N VAL D 196 -29.65 -4.49 -0.20
CA VAL D 196 -30.07 -5.88 0.01
C VAL D 196 -28.86 -6.76 0.37
N ALA D 197 -27.80 -6.66 -0.43
CA ALA D 197 -26.62 -7.49 -0.25
C ALA D 197 -25.92 -7.27 1.08
N ALA D 198 -25.90 -6.02 1.60
CA ALA D 198 -25.26 -5.72 2.91
C ALA D 198 -25.75 -6.68 3.98
N ARG D 199 -27.03 -7.02 3.91
CA ARG D 199 -27.63 -7.86 4.91
C ARG D 199 -27.06 -9.27 4.88
N SER D 200 -26.42 -9.65 3.77
CA SER D 200 -25.75 -10.95 3.69
C SER D 200 -24.33 -10.98 4.34
N ILE D 201 -23.92 -9.87 4.96
CA ILE D 201 -22.72 -9.87 5.79
C ILE D 201 -23.14 -9.93 7.26
N PRO D 202 -22.79 -11.04 7.96
CA PRO D 202 -23.07 -11.07 9.39
C PRO D 202 -22.48 -9.86 10.11
N GLY D 203 -23.30 -9.23 10.95
CA GLY D 203 -22.85 -8.10 11.78
C GLY D 203 -22.83 -6.77 11.05
N PHE D 204 -23.44 -6.71 9.86
CA PHE D 204 -23.35 -5.52 9.02
C PHE D 204 -23.80 -4.25 9.74
N THR D 205 -24.94 -4.33 10.42
CA THR D 205 -25.45 -3.16 11.14
C THR D 205 -24.44 -2.60 12.15
N LYS D 206 -23.71 -3.48 12.83
CA LYS D 206 -22.72 -3.03 13.81
C LYS D 206 -21.49 -2.44 13.14
N MET D 207 -21.10 -3.01 12.00
CA MET D 207 -20.08 -2.42 11.12
C MET D 207 -20.53 -1.02 10.69
N TYR D 208 -21.78 -0.93 10.24
CA TYR D 208 -22.36 0.34 9.76
C TYR D 208 -22.32 1.40 10.86
N ASP D 209 -22.86 1.03 12.01
CA ASP D 209 -22.90 1.92 13.19
C ASP D 209 -21.50 2.32 13.70
N ARG D 210 -20.54 1.41 13.65
CA ARG D 210 -19.15 1.71 14.05
C ARG D 210 -18.44 2.77 13.18
N VAL D 211 -18.70 2.73 11.87
CA VAL D 211 -18.14 3.69 10.94
C VAL D 211 -18.60 5.11 11.30
N ALA D 212 -19.90 5.26 11.51
CA ALA D 212 -20.49 6.56 11.87
C ALA D 212 -19.82 7.15 13.10
N GLN D 213 -19.31 6.30 13.98
CA GLN D 213 -18.60 6.74 15.21
C GLN D 213 -17.11 7.00 15.05
N THR D 214 -16.48 6.38 14.06
CA THR D 214 -15.01 6.40 14.00
C THR D 214 -14.44 7.02 12.72
N ALA D 215 -15.22 7.03 11.64
CA ALA D 215 -14.83 7.70 10.41
C ALA D 215 -14.47 9.16 10.66
N PRO D 216 -13.46 9.70 9.93
CA PRO D 216 -13.16 11.13 10.03
C PRO D 216 -14.40 12.01 9.93
N LEU D 217 -15.30 11.72 9.00
CA LEU D 217 -16.49 12.57 8.85
C LEU D 217 -17.59 12.29 9.88
N ARG D 218 -17.43 11.25 10.69
CA ARG D 218 -18.38 10.89 11.75
C ARG D 218 -19.77 10.63 11.21
N ARG D 219 -19.83 9.99 10.05
CA ARG D 219 -21.07 9.53 9.48
C ARG D 219 -20.74 8.45 8.46
N ASN D 220 -21.79 7.76 8.05
CA ASN D 220 -21.71 6.87 6.90
C ASN D 220 -21.83 7.64 5.60
N ILE D 221 -21.34 7.02 4.53
CA ILE D 221 -21.54 7.57 3.19
C ILE D 221 -22.96 7.27 2.76
N THR D 222 -23.38 7.95 1.70
CA THR D 222 -24.69 7.73 1.09
C THR D 222 -24.57 7.02 -0.26
N GLN D 223 -25.66 6.39 -0.66
CA GLN D 223 -25.80 5.84 -2.00
C GLN D 223 -25.47 6.91 -3.07
N GLU D 224 -25.84 8.18 -2.84
CA GLU D 224 -25.64 9.20 -3.85
C GLU D 224 -24.15 9.54 -4.00
N GLU D 225 -23.41 9.45 -2.91
CA GLU D 225 -21.97 9.71 -2.90
C GLU D 225 -21.23 8.68 -3.76
N VAL D 226 -21.70 7.43 -3.69
CA VAL D 226 -21.19 6.38 -4.58
C VAL D 226 -21.58 6.71 -6.02
N GLY D 227 -22.84 7.06 -6.24
CA GLY D 227 -23.30 7.39 -7.60
C GLY D 227 -22.50 8.52 -8.23
N ASN D 228 -22.22 9.56 -7.44
CA ASN D 228 -21.45 10.71 -7.97
C ASN D 228 -19.99 10.36 -8.38
N LEU D 229 -19.33 9.55 -7.56
CA LEU D 229 -17.99 9.03 -7.88
C LEU D 229 -17.99 8.15 -9.14
N GLY D 230 -18.99 7.30 -9.27
CA GLY D 230 -19.16 6.51 -10.49
C GLY D 230 -19.34 7.40 -11.72
N LEU D 231 -20.24 8.37 -11.63
CA LEU D 231 -20.42 9.36 -12.71
C LEU D 231 -19.10 10.06 -13.02
N PHE D 232 -18.40 10.53 -11.98
CA PHE D 232 -17.15 11.27 -12.21
C PHE D 232 -16.14 10.39 -12.97
N LEU D 233 -15.97 9.14 -12.52
CA LEU D 233 -14.92 8.27 -13.06
C LEU D 233 -15.24 7.90 -14.51
N LEU D 234 -16.53 7.72 -14.82
CA LEU D 234 -16.94 7.44 -16.19
C LEU D 234 -16.92 8.66 -17.13
N SER D 235 -17.17 9.85 -16.57
CA SER D 235 -17.20 11.09 -17.34
C SER D 235 -15.81 11.50 -17.84
N PRO D 236 -15.75 12.45 -18.81
CA PRO D 236 -14.47 12.99 -19.25
C PRO D 236 -13.71 13.77 -18.20
N LEU D 237 -14.36 14.15 -17.09
CA LEU D 237 -13.66 14.84 -16.00
C LEU D 237 -12.55 13.94 -15.42
N ALA D 238 -12.73 12.62 -15.56
CA ALA D 238 -11.75 11.67 -15.03
C ALA D 238 -10.82 11.09 -16.10
N SER D 239 -10.67 11.77 -17.24
CA SER D 239 -9.93 11.22 -18.43
C SER D 239 -8.48 10.82 -18.18
N GLY D 240 -7.86 11.40 -17.14
CA GLY D 240 -6.51 11.04 -16.74
C GLY D 240 -6.39 9.89 -15.74
N ILE D 241 -7.51 9.31 -15.35
CA ILE D 241 -7.56 8.37 -14.22
C ILE D 241 -7.95 6.96 -14.63
N THR D 242 -6.98 6.05 -14.53
CA THR D 242 -7.24 4.65 -14.78
C THR D 242 -6.46 3.71 -13.86
N GLY D 243 -7.04 2.52 -13.65
CA GLY D 243 -6.43 1.48 -12.86
C GLY D 243 -6.49 1.78 -11.36
N GLU D 244 -7.37 2.70 -10.96
CA GLU D 244 -7.39 3.26 -9.63
C GLU D 244 -8.52 2.64 -8.80
N VAL D 245 -8.25 2.44 -7.50
CA VAL D 245 -9.27 2.14 -6.51
C VAL D 245 -9.46 3.41 -5.69
N VAL D 246 -10.62 4.00 -5.84
CA VAL D 246 -10.94 5.26 -5.22
C VAL D 246 -11.96 5.04 -4.08
N TYR D 247 -11.59 5.48 -2.88
CA TYR D 247 -12.37 5.22 -1.68
C TYR D 247 -13.39 6.32 -1.43
N VAL D 248 -14.65 5.91 -1.28
CA VAL D 248 -15.71 6.83 -0.85
C VAL D 248 -16.29 6.20 0.40
N ASP D 249 -15.72 6.59 1.53
CA ASP D 249 -15.98 5.94 2.82
C ASP D 249 -15.93 6.88 4.02
N ALA D 250 -16.11 8.17 3.77
CA ALA D 250 -16.01 9.18 4.82
C ALA D 250 -14.68 9.16 5.57
N GLY D 251 -13.64 8.66 4.90
CA GLY D 251 -12.30 8.55 5.42
C GLY D 251 -12.02 7.32 6.30
N TYR D 252 -13.01 6.46 6.49
CA TYR D 252 -12.90 5.36 7.45
C TYR D 252 -11.62 4.57 7.33
N HIS D 253 -11.29 4.10 6.13
CA HIS D 253 -10.14 3.21 5.97
C HIS D 253 -8.73 3.84 6.21
N ILE D 254 -8.66 5.17 6.40
CA ILE D 254 -7.38 5.81 6.73
C ILE D 254 -7.06 5.66 8.19
N MET D 255 -8.06 5.32 9.00
CA MET D 255 -7.86 5.18 10.43
C MET D 255 -7.12 3.88 10.75
N GLY D 256 -6.12 3.99 11.63
CA GLY D 256 -5.30 2.84 12.01
C GLY D 256 -5.62 2.28 13.38
N MET D 257 -6.43 3.01 14.14
CA MET D 257 -6.72 2.64 15.52
C MET D 257 -7.75 3.55 16.15
N GLU D 258 -8.54 2.93 17.02
CA GLU D 258 -9.26 3.53 18.18
C GLU D 258 -10.69 3.77 17.81
PA NAD E . 4.68 25.54 -10.23
O1A NAD E . 6.09 26.05 -10.23
O2A NAD E . 3.81 26.10 -11.27
O5B NAD E . 4.08 25.77 -8.77
C5B NAD E . 4.85 25.62 -7.61
C4B NAD E . 4.58 26.82 -6.75
O4B NAD E . 5.22 26.67 -5.48
C3B NAD E . 5.11 28.11 -7.37
O3B NAD E . 4.02 28.97 -7.65
C2B NAD E . 6.01 28.70 -6.28
O2B NAD E . 6.00 30.13 -6.20
C1B NAD E . 5.44 27.98 -5.06
N9A NAD E . 6.36 28.05 -3.92
C8A NAD E . 7.58 27.44 -3.81
N7A NAD E . 8.11 27.80 -2.63
C5A NAD E . 7.22 28.62 -1.99
C6A NAD E . 7.24 29.25 -0.75
N6A NAD E . 8.30 29.26 0.03
N1A NAD E . 6.14 30.01 -0.40
C2A NAD E . 5.05 30.15 -1.23
N3A NAD E . 5.02 29.52 -2.44
C4A NAD E . 6.11 28.77 -2.79
O3 NAD E . 4.81 23.94 -10.47
PN NAD E . 3.66 22.86 -10.32
O1N NAD E . 4.17 21.69 -11.07
O2N NAD E . 2.38 23.46 -10.69
O5D NAD E . 3.72 22.56 -8.75
C5D NAD E . 2.53 22.61 -7.94
C4D NAD E . 2.43 21.36 -7.02
O4D NAD E . 2.19 20.22 -7.83
C3D NAD E . 3.68 21.06 -6.20
O3D NAD E . 3.36 20.67 -4.88
C2D NAD E . 4.31 19.92 -6.94
O2D NAD E . 5.16 19.14 -6.15
C1D NAD E . 3.04 19.19 -7.39
N1N NAD E . 3.21 18.22 -8.49
C2N NAD E . 3.64 18.63 -9.72
C3N NAD E . 3.75 17.70 -10.75
C7N NAD E . 4.14 18.14 -12.13
O7N NAD E . 4.38 17.12 -13.05
N7N NAD E . 4.21 19.43 -12.46
C4N NAD E . 3.48 16.35 -10.50
C5N NAD E . 3.01 15.97 -9.24
C6N NAD E . 2.91 16.92 -8.24
C1 TCL F . 6.78 16.40 -9.46
C2 TCL F . 6.99 16.49 -10.83
C6 TCL F . 6.84 17.54 -8.70
C5 TCL F . 7.09 18.83 -9.37
C4 TCL F . 7.29 18.90 -10.74
C3 TCL F . 7.25 17.71 -11.47
C11 TCL F . 10.67 21.24 -7.06
C10 TCL F . 9.56 22.02 -6.89
C9 TCL F . 8.36 21.55 -7.39
C8 TCL F . 8.32 20.27 -8.09
C12 TCL F . 10.66 20.01 -7.71
C13 TCL F . 9.49 19.51 -8.25
O7 TCL F . 7.13 19.92 -8.58
CL14 TCL F . 6.94 14.99 -11.80
CL15 TCL F . 12.17 21.89 -6.38
CL16 TCL F . 6.87 22.50 -7.25
O17 TCL F . 6.63 17.55 -7.35
PA NAD G . 14.13 4.87 23.71
O1A NAD G . 13.82 6.08 24.49
O2A NAD G . 14.81 3.79 24.46
O5B NAD G . 15.01 5.22 22.40
C5B NAD G . 14.93 6.46 21.73
C4B NAD G . 16.30 7.08 21.71
O4B NAD G . 16.32 8.25 20.90
C3B NAD G . 16.78 7.50 23.11
O3B NAD G . 17.87 6.74 23.53
C2B NAD G . 17.13 8.97 22.94
O2B NAD G . 18.21 9.41 23.72
C1B NAD G . 17.36 9.03 21.43
N9A NAD G . 17.36 10.42 20.99
C8A NAD G . 16.29 11.28 21.00
N7A NAD G . 16.68 12.48 20.53
C5A NAD G . 18.00 12.39 20.19
C6A NAD G . 18.91 13.32 19.68
N6A NAD G . 18.64 14.62 19.49
N1A NAD G . 20.19 12.88 19.47
C2A NAD G . 20.57 11.59 19.76
N3A NAD G . 19.67 10.70 20.25
C4A NAD G . 18.42 11.10 20.49
O3 NAD G . 12.75 4.36 23.07
PN NAD G . 12.56 3.24 21.90
O1N NAD G . 11.11 2.93 21.95
O2N NAD G . 13.55 2.16 22.10
O5D NAD G . 12.82 4.05 20.54
C5D NAD G . 13.69 3.53 19.54
C4D NAD G . 13.09 3.72 18.14
O4D NAD G . 12.01 2.80 18.02
C3D NAD G . 12.50 5.09 17.82
O3D NAD G . 12.76 5.42 16.48
C2D NAD G . 10.98 4.91 17.96
O2D NAD G . 10.21 5.86 17.20
C1D NAD G . 10.90 3.47 17.45
N1N NAD G . 9.69 2.75 17.83
C2N NAD G . 9.42 2.51 19.16
C3N NAD G . 8.26 1.80 19.47
C7N NAD G . 7.91 1.43 20.86
O7N NAD G . 6.68 0.79 21.03
N7N NAD G . 8.75 1.64 21.86
C4N NAD G . 7.42 1.34 18.44
C5N NAD G . 7.73 1.60 17.12
C6N NAD G . 8.89 2.30 16.83
C1 TCL H . 6.07 4.39 18.88
C2 TCL H . 5.55 3.88 20.05
C6 TCL H . 7.20 5.15 18.96
C5 TCL H . 7.82 5.36 20.27
C4 TCL H . 7.28 4.84 21.41
C3 TCL H . 6.12 4.08 21.30
C11 TCL H . 8.78 10.13 21.15
C10 TCL H . 10.01 9.52 21.06
C9 TCL H . 10.06 8.19 20.75
C8 TCL H . 8.81 7.44 20.53
C12 TCL H . 7.59 9.45 20.95
C13 TCL H . 7.59 8.10 20.64
O7 TCL H . 8.93 6.11 20.26
CL14 TCL H . 4.08 2.94 19.92
CL15 TCL H . 8.77 11.86 21.57
CL16 TCL H . 11.62 7.36 20.63
O17 TCL H . 7.79 5.70 17.89
PA NAD I . 8.38 -25.04 -9.01
O1A NAD I . 7.94 -25.52 -10.34
O2A NAD I . 9.62 -25.69 -8.57
O5B NAD I . 7.25 -25.29 -7.89
C5B NAD I . 5.87 -25.12 -8.18
C4B NAD I . 5.18 -26.37 -7.70
O4B NAD I . 3.78 -26.29 -7.85
C3B NAD I . 5.64 -27.62 -8.49
O3B NAD I . 6.38 -28.46 -7.63
C2B NAD I . 4.33 -28.26 -8.92
O2B NAD I . 4.34 -29.69 -8.92
C1B NAD I . 3.35 -27.63 -7.95
N9A NAD I . 1.95 -27.72 -8.41
C8A NAD I . 1.40 -27.14 -9.52
N7A NAD I . 0.10 -27.52 -9.56
C5A NAD I . -0.14 -28.35 -8.49
C6A NAD I . -1.28 -29.03 -8.04
N6A NAD I . -2.42 -29.06 -8.77
N1A NAD I . -1.18 -29.80 -6.90
C2A NAD I . -0.01 -29.91 -6.20
N3A NAD I . 1.11 -29.26 -6.67
C4A NAD I . 1.03 -28.47 -7.77
O3 NAD I . 8.57 -23.47 -9.15
PN NAD I . 8.79 -22.43 -7.93
O1N NAD I . 9.20 -21.19 -8.64
O2N NAD I . 9.63 -23.05 -6.89
O5D NAD I . 7.26 -22.19 -7.37
C5D NAD I . 6.97 -22.25 -5.98
C4D NAD I . 6.09 -21.05 -5.55
O4D NAD I . 6.88 -19.89 -5.59
C3D NAD I . 4.90 -20.78 -6.47
O3D NAD I . 3.76 -20.42 -5.72
C2D NAD I . 5.33 -19.59 -7.30
O2D NAD I . 4.27 -18.78 -7.82
C1D NAD I . 6.17 -18.86 -6.27
N1N NAD I . 7.10 -17.86 -6.78
C2N NAD I . 8.12 -18.20 -7.66
C3N NAD I . 8.99 -17.21 -8.10
C7N NAD I . 10.16 -17.53 -8.94
O7N NAD I . 10.81 -16.45 -9.53
N7N NAD I . 10.54 -18.80 -9.10
C4N NAD I . 8.82 -15.88 -7.68
C5N NAD I . 7.79 -15.59 -6.82
C6N NAD I . 6.94 -16.58 -6.37
C1 TCL J . 6.65 -15.88 -10.39
C2 TCL J . 7.86 -15.93 -11.07
C6 TCL J . 5.93 -17.06 -10.17
C5 TCL J . 6.51 -18.31 -10.67
C4 TCL J . 7.71 -18.31 -11.38
C3 TCL J . 8.40 -17.13 -11.56
C11 TCL J . 3.09 -20.73 -13.34
C10 TCL J . 3.39 -21.56 -12.26
C9 TCL J . 4.27 -21.09 -11.32
C8 TCL J . 4.90 -19.77 -11.46
C12 TCL J . 3.66 -19.47 -13.51
C13 TCL J . 4.57 -18.99 -12.57
O7 TCL J . 5.79 -19.44 -10.49
CL14 TCL J . 8.72 -14.42 -11.32
CL15 TCL J . 1.95 -21.36 -14.53
CL16 TCL J . 4.75 -22.05 -9.90
O17 TCL J . 4.74 -17.09 -9.54
PA NAD K . -27.19 -5.17 -4.34
O1A NAD K . -27.83 -6.36 -3.74
O2A NAD K . -28.13 -4.04 -4.54
O5B NAD K . -26.36 -5.53 -5.64
C5B NAD K . -25.69 -6.78 -5.74
C4B NAD K . -26.06 -7.35 -7.10
O4B NAD K . -25.27 -8.47 -7.45
C3B NAD K . -27.53 -7.82 -7.13
O3B NAD K . -28.27 -7.03 -8.03
C2B NAD K . -27.46 -9.27 -7.61
O2B NAD K . -28.51 -9.65 -8.50
C1B NAD K . -26.08 -9.31 -8.27
N9A NAD K . -25.61 -10.70 -8.44
C8A NAD K . -25.26 -11.64 -7.49
N7A NAD K . -24.95 -12.79 -8.13
C5A NAD K . -25.11 -12.62 -9.47
C6A NAD K . -24.95 -13.45 -10.60
N6A NAD K . -24.59 -14.72 -10.50
N1A NAD K . -25.21 -12.94 -11.84
C2A NAD K . -25.62 -11.64 -12.02
N3A NAD K . -25.81 -10.84 -10.91
C4A NAD K . -25.54 -11.31 -9.67
O3 NAD K . -26.03 -4.71 -3.31
PN NAD K . -24.91 -3.57 -3.52
O1N NAD K . -24.43 -3.29 -2.14
O2N NAD K . -25.40 -2.44 -4.38
O5D NAD K . -23.76 -4.37 -4.31
C5D NAD K . -23.16 -3.84 -5.49
C4D NAD K . -21.64 -3.97 -5.46
O4D NAD K . -21.11 -3.05 -4.50
C3D NAD K . -21.16 -5.35 -5.06
O3D NAD K . -20.03 -5.72 -5.85
C2D NAD K . -20.73 -5.18 -3.63
O2D NAD K . -19.72 -6.10 -3.27
C1D NAD K . -20.22 -3.74 -3.65
N1N NAD K . -20.09 -3.02 -2.35
C2N NAD K . -21.17 -2.76 -1.55
C3N NAD K . -21.00 -2.06 -0.36
C7N NAD K . -22.21 -1.68 0.46
O7N NAD K . -22.01 -1.17 1.75
N7N NAD K . -23.45 -1.87 -0.03
C4N NAD K . -19.73 -1.62 0.03
C5N NAD K . -18.65 -1.88 -0.81
C6N NAD K . -18.84 -2.57 -1.99
C1 TCL L . -19.54 -4.82 1.20
C2 TCL L . -20.46 -4.26 2.08
C6 TCL L . -19.98 -5.58 0.16
C5 TCL L . -21.44 -5.77 0.01
C4 TCL L . -22.32 -5.19 0.90
C3 TCL L . -21.84 -4.43 1.94
C11 TCL L . -22.56 -10.58 -0.61
C10 TCL L . -22.92 -9.99 -1.81
C9 TCL L . -22.72 -8.62 -1.93
C8 TCL L . -22.10 -7.85 -0.84
C12 TCL L . -21.99 -9.86 0.46
C13 TCL L . -21.77 -8.50 0.35
O7 TCL L . -21.92 -6.52 -1.01
CL14 TCL L . -19.86 -3.28 3.42
CL15 TCL L . -22.86 -12.32 -0.39
CL16 TCL L . -23.14 -7.76 -3.39
O17 TCL L . -19.12 -6.16 -0.74
#